data_1UZ1
#
_entry.id   1UZ1
#
_cell.length_a   94.412
_cell.length_b   94.327
_cell.length_c   113.063
_cell.angle_alpha   90.00
_cell.angle_beta   90.00
_cell.angle_gamma   90.00
#
_symmetry.space_group_name_H-M   'P 21 21 21'
#
loop_
_entity.id
_entity.type
_entity.pdbx_description
1 polymer 'BETA-GLUCOSIDASE A'
2 non-polymer (3S,4R,5R)-3,4-DIHYDROXY-5-(HYDROXYMETHYL)PIPERIDIN-2-ONE
3 water water
#
_entity_poly.entity_id   1
_entity_poly.type   'polypeptide(L)'
_entity_poly.pdbx_seq_one_letter_code
;MGSSHHHHHHSSGLVPRGSHMASNVKKFPEGFLWGVATASYQIEGSPLADGAGMSIWHTFSHTPGNVKNGDTGDVACDHY
NRWKEDIEIIEKLGVKAYRFSISWPRILPEGTGRVNQKGLDFYNRIIDTLLEKGITPFVTIYHWDLPFALQLKGGWANRE
IADWFAEYSRVLFENFGDRVKNWITLNEPWVVAIVGHLYGVHAPGMRDIYVAFRAVHNLLRAHARAVKVFRETVKDGKIG
IVFNNGYFEPASEKEEDIRAVRFMHQFNNYPLFLNPIYRGDYPELVLEFAREYLPENYKDDMSEIQEKIDFVGLNYYSGH
LVKFDPDAPAKVSFVERDLPKTAMGWEIVPEGIYWILKKVKEEYNPPEVYITENGAAFDDVVSEDGRVHDQNRIDYLKAH
IGQAWKAIQEGVPLKGYFVWSLLDNFEWAEGYSKRFGIVYVDYSTQKRIVKDSGYWYSNVVKNNGLED
;
_entity_poly.pdbx_strand_id   A,B
#
# COMPACT_ATOMS: atom_id res chain seq x y z
N VAL A 25 -1.37 29.13 28.82
CA VAL A 25 -2.84 29.33 28.59
C VAL A 25 -3.06 30.17 27.32
N LYS A 26 -3.83 29.60 26.39
CA LYS A 26 -4.18 30.30 25.16
C LYS A 26 -5.69 30.38 25.10
N LYS A 27 -6.24 31.53 25.50
CA LYS A 27 -7.67 31.77 25.47
C LYS A 27 -8.08 32.51 24.21
N PHE A 28 -9.25 32.13 23.68
CA PHE A 28 -9.80 32.68 22.44
C PHE A 28 -10.78 33.85 22.75
N PRO A 29 -11.23 34.60 21.73
CA PRO A 29 -12.15 35.71 21.93
C PRO A 29 -13.47 35.30 22.57
N GLU A 30 -14.10 36.23 23.30
CA GLU A 30 -15.42 35.97 23.86
C GLU A 30 -16.34 35.61 22.69
N GLY A 31 -17.19 34.60 22.89
CA GLY A 31 -18.12 34.19 21.84
C GLY A 31 -17.52 33.47 20.61
N PHE A 32 -16.23 33.12 20.65
CA PHE A 32 -15.59 32.30 19.60
C PHE A 32 -16.36 30.98 19.47
N LEU A 33 -16.53 30.51 18.24
CA LEU A 33 -17.39 29.34 18.00
C LEU A 33 -16.62 28.05 17.83
N TRP A 34 -16.71 27.17 18.82
CA TRP A 34 -16.14 25.82 18.72
C TRP A 34 -17.19 24.85 18.16
N GLY A 35 -16.84 24.13 17.10
CA GLY A 35 -17.77 23.18 16.52
C GLY A 35 -17.19 21.85 16.10
N VAL A 36 -18.08 21.01 15.58
CA VAL A 36 -17.71 19.77 14.90
C VAL A 36 -18.48 19.75 13.58
N ALA A 37 -17.95 19.01 12.61
CA ALA A 37 -18.52 19.04 11.26
C ALA A 37 -18.74 17.61 10.76
N THR A 38 -19.81 17.44 9.97
CA THR A 38 -20.06 16.19 9.20
C THR A 38 -20.53 16.55 7.78
N ALA A 39 -20.87 15.51 7.01
CA ALA A 39 -21.53 15.66 5.68
C ALA A 39 -22.57 14.55 5.53
N SER A 40 -23.68 14.88 4.87
CA SER A 40 -24.83 13.99 4.69
C SER A 40 -24.50 12.57 4.23
N TYR A 41 -23.78 12.44 3.10
CA TYR A 41 -23.55 11.13 2.53
C TYR A 41 -22.55 10.29 3.38
N GLN A 42 -21.65 10.98 4.08
CA GLN A 42 -20.68 10.28 4.91
C GLN A 42 -21.25 9.66 6.19
N ILE A 43 -22.37 10.18 6.69
CA ILE A 43 -22.89 9.70 7.99
C ILE A 43 -24.30 9.11 7.96
N GLU A 44 -25.17 9.62 7.08
CA GLU A 44 -26.61 9.32 7.15
C GLU A 44 -27.00 7.85 6.92
N GLY A 45 -26.47 7.23 5.86
CA GLY A 45 -27.09 6.02 5.35
C GLY A 45 -28.51 6.30 4.88
N SER A 46 -29.22 5.22 4.55
CA SER A 46 -30.58 5.28 4.06
C SER A 46 -30.73 6.25 2.87
N PRO A 47 -29.87 6.14 1.86
CA PRO A 47 -29.85 7.17 0.79
C PRO A 47 -31.13 7.23 -0.05
N LEU A 48 -31.91 6.15 -0.06
CA LEU A 48 -33.16 6.10 -0.84
C LEU A 48 -34.44 6.06 0.03
N ALA A 49 -34.28 6.31 1.32
CA ALA A 49 -35.41 6.37 2.27
C ALA A 49 -36.33 7.53 2.00
N ASP A 50 -37.63 7.32 2.30
CA ASP A 50 -38.64 8.36 2.28
C ASP A 50 -38.66 9.22 1.01
N GLY A 51 -38.54 8.57 -0.13
CA GLY A 51 -38.72 9.24 -1.41
C GLY A 51 -37.51 9.97 -1.96
N ALA A 52 -36.35 9.81 -1.33
CA ALA A 52 -35.12 10.48 -1.79
C ALA A 52 -34.73 10.00 -3.20
N GLY A 53 -34.19 10.91 -4.02
CA GLY A 53 -33.62 10.50 -5.30
C GLY A 53 -32.23 9.95 -5.10
N MET A 54 -31.72 9.18 -6.07
CA MET A 54 -30.34 8.79 -6.07
C MET A 54 -29.42 10.02 -6.18
N SER A 55 -28.24 9.93 -5.56
CA SER A 55 -27.18 10.91 -5.77
C SER A 55 -26.05 10.28 -6.59
N ILE A 56 -25.10 11.09 -7.08
CA ILE A 56 -23.93 10.57 -7.80
C ILE A 56 -22.99 9.76 -6.94
N TRP A 57 -23.02 9.98 -5.61
CA TRP A 57 -22.23 9.16 -4.70
C TRP A 57 -22.84 7.79 -4.47
N HIS A 58 -24.16 7.70 -4.50
CA HIS A 58 -24.84 6.41 -4.55
C HIS A 58 -24.42 5.59 -5.80
N THR A 59 -24.56 6.18 -6.98
CA THR A 59 -24.25 5.42 -8.21
C THR A 59 -22.74 5.14 -8.37
N PHE A 60 -21.90 6.11 -7.99
CA PHE A 60 -20.44 5.95 -8.01
C PHE A 60 -19.91 4.85 -7.08
N SER A 61 -20.39 4.84 -5.85
CA SER A 61 -19.95 3.83 -4.89
C SER A 61 -20.57 2.46 -5.19
N HIS A 62 -21.72 2.45 -5.87
CA HIS A 62 -22.29 1.15 -6.33
C HIS A 62 -21.69 0.60 -7.63
N THR A 63 -20.73 1.33 -8.17
CA THR A 63 -19.98 0.87 -9.34
C THR A 63 -18.72 0.19 -8.84
N PRO A 64 -18.53 -1.08 -9.18
CA PRO A 64 -17.33 -1.84 -8.75
C PRO A 64 -16.03 -1.15 -9.09
N GLY A 65 -15.11 -1.17 -8.12
CA GLY A 65 -13.78 -0.62 -8.32
C GLY A 65 -13.56 0.82 -7.89
N ASN A 66 -14.63 1.56 -7.64
CA ASN A 66 -14.53 2.99 -7.37
C ASN A 66 -14.16 3.34 -5.93
N VAL A 67 -14.58 2.48 -5.02
CA VAL A 67 -14.38 2.67 -3.56
C VAL A 67 -13.72 1.43 -2.94
N LYS A 68 -12.74 1.70 -2.08
CA LYS A 68 -12.05 0.65 -1.34
C LYS A 68 -13.01 -0.32 -0.67
N ASN A 69 -12.74 -1.62 -0.87
CA ASN A 69 -13.53 -2.72 -0.28
C ASN A 69 -14.97 -2.77 -0.74
N GLY A 70 -15.29 -2.05 -1.82
CA GLY A 70 -16.68 -2.01 -2.28
C GLY A 70 -17.60 -1.32 -1.29
N ASP A 71 -17.04 -0.50 -0.39
CA ASP A 71 -17.86 0.19 0.63
C ASP A 71 -18.79 1.17 -0.05
N THR A 72 -19.98 1.38 0.52
CA THR A 72 -20.88 2.43 0.06
C THR A 72 -21.47 3.23 1.23
N GLY A 73 -22.27 4.23 0.89
CA GLY A 73 -22.95 5.01 1.92
C GLY A 73 -24.34 4.47 2.25
N ASP A 74 -24.62 3.22 1.92
CA ASP A 74 -25.96 2.66 2.19
C ASP A 74 -26.36 2.72 3.68
N VAL A 75 -25.38 2.43 4.56
CA VAL A 75 -25.66 2.43 6.00
C VAL A 75 -24.85 3.50 6.74
N ALA A 76 -23.56 3.56 6.47
CA ALA A 76 -22.66 4.58 7.07
C ALA A 76 -22.79 4.54 8.59
N CYS A 77 -22.97 5.69 9.23
CA CYS A 77 -23.23 5.80 10.68
C CYS A 77 -24.69 5.63 11.09
N ASP A 78 -25.55 5.27 10.13
CA ASP A 78 -27.00 5.21 10.33
C ASP A 78 -27.54 6.47 11.05
N HIS A 79 -26.97 7.64 10.73
CA HIS A 79 -27.38 8.91 11.36
C HIS A 79 -28.81 9.27 10.96
N TYR A 80 -29.27 8.70 9.84
CA TYR A 80 -30.63 8.95 9.39
C TYR A 80 -31.64 8.52 10.47
N ASN A 81 -31.28 7.50 11.25
CA ASN A 81 -32.13 7.05 12.39
C ASN A 81 -31.62 7.48 13.76
N ARG A 82 -30.29 7.64 13.85
CA ARG A 82 -29.58 7.91 15.11
C ARG A 82 -29.26 9.41 15.38
N TRP A 83 -29.81 10.29 14.55
CA TRP A 83 -29.55 11.73 14.62
C TRP A 83 -29.71 12.35 16.03
N LYS A 84 -30.73 11.94 16.78
CA LYS A 84 -30.96 12.51 18.12
C LYS A 84 -29.86 12.13 19.12
N GLU A 85 -29.50 10.85 19.15
CA GLU A 85 -28.34 10.41 19.95
C GLU A 85 -27.04 11.14 19.58
N ASP A 86 -26.79 11.38 18.28
CA ASP A 86 -25.58 12.11 17.83
C ASP A 86 -25.57 13.56 18.28
N ILE A 87 -26.74 14.21 18.25
CA ILE A 87 -26.85 15.58 18.71
C ILE A 87 -26.71 15.62 20.25
N GLU A 88 -27.37 14.69 20.95
CA GLU A 88 -27.19 14.56 22.42
C GLU A 88 -25.72 14.40 22.80
N ILE A 89 -24.94 13.74 21.93
CA ILE A 89 -23.46 13.71 22.11
C ILE A 89 -22.77 15.07 21.95
N ILE A 90 -23.19 15.83 20.92
CA ILE A 90 -22.66 17.19 20.70
C ILE A 90 -22.95 18.06 21.94
N GLU A 91 -24.21 18.04 22.38
CA GLU A 91 -24.64 18.72 23.62
C GLU A 91 -23.77 18.31 24.84
N LYS A 92 -23.75 17.02 25.14
CA LYS A 92 -23.01 16.49 26.29
C LYS A 92 -21.54 16.94 26.28
N LEU A 93 -20.97 17.08 25.08
CA LEU A 93 -19.59 17.53 24.93
C LEU A 93 -19.41 19.05 25.13
N GLY A 94 -20.53 19.76 25.19
CA GLY A 94 -20.47 21.24 25.30
C GLY A 94 -20.12 21.96 24.01
N VAL A 95 -20.16 21.24 22.88
CA VAL A 95 -19.82 21.85 21.60
C VAL A 95 -20.90 22.86 21.19
N LYS A 96 -20.46 24.03 20.75
CA LYS A 96 -21.40 25.13 20.57
C LYS A 96 -21.95 25.29 19.14
N ALA A 97 -21.29 24.68 18.17
CA ALA A 97 -21.76 24.79 16.78
C ALA A 97 -21.72 23.44 16.08
N TYR A 98 -22.66 23.21 15.16
CA TYR A 98 -22.63 21.97 14.37
C TYR A 98 -22.73 22.29 12.90
N ARG A 99 -21.66 21.96 12.15
CA ARG A 99 -21.67 22.09 10.70
C ARG A 99 -22.12 20.73 10.09
N PHE A 100 -23.21 20.78 9.34
CA PHE A 100 -23.74 19.62 8.67
C PHE A 100 -24.22 20.01 7.28
N SER A 101 -24.34 19.03 6.38
CA SER A 101 -24.83 19.34 5.06
C SER A 101 -26.19 18.69 4.83
N ILE A 102 -26.91 19.25 3.86
CA ILE A 102 -28.20 18.75 3.36
C ILE A 102 -27.99 17.99 2.02
N SER A 103 -28.55 16.79 1.95
CA SER A 103 -28.62 16.02 0.72
C SER A 103 -29.63 16.65 -0.25
N TRP A 104 -29.11 17.24 -1.31
CA TRP A 104 -29.94 17.78 -2.36
C TRP A 104 -31.03 16.78 -2.85
N PRO A 105 -30.71 15.53 -3.20
CA PRO A 105 -31.77 14.61 -3.67
C PRO A 105 -32.80 14.17 -2.60
N ARG A 106 -32.56 14.43 -1.31
CA ARG A 106 -33.63 14.19 -0.35
C ARG A 106 -34.70 15.29 -0.44
N ILE A 107 -34.27 16.49 -0.84
CA ILE A 107 -35.11 17.66 -0.84
C ILE A 107 -35.80 17.75 -2.20
N LEU A 108 -35.05 17.54 -3.28
CA LEU A 108 -35.63 17.57 -4.63
C LEU A 108 -35.12 16.33 -5.34
N PRO A 109 -35.88 15.24 -5.34
CA PRO A 109 -35.42 13.95 -5.86
C PRO A 109 -34.93 13.90 -7.31
N GLU A 110 -35.51 14.74 -8.18
CA GLU A 110 -35.04 14.93 -9.57
C GLU A 110 -34.14 16.16 -9.73
N GLY A 111 -33.71 16.75 -8.62
CA GLY A 111 -32.83 17.90 -8.63
C GLY A 111 -33.52 19.26 -8.72
N THR A 112 -34.47 19.39 -9.65
CA THR A 112 -35.36 20.55 -9.69
C THR A 112 -36.79 20.10 -9.70
N GLY A 113 -37.72 21.03 -9.54
CA GLY A 113 -39.15 20.71 -9.63
C GLY A 113 -39.66 20.28 -8.26
N ARG A 114 -39.96 18.99 -8.16
CA ARG A 114 -40.69 18.45 -7.01
C ARG A 114 -39.89 18.55 -5.73
N VAL A 115 -40.54 19.03 -4.68
CA VAL A 115 -39.95 19.07 -3.32
C VAL A 115 -40.52 17.94 -2.44
N ASN A 116 -39.63 17.15 -1.83
CA ASN A 116 -39.98 16.03 -0.96
C ASN A 116 -40.13 16.47 0.54
N GLN A 117 -41.37 16.58 1.02
CA GLN A 117 -41.62 17.08 2.37
C GLN A 117 -40.93 16.25 3.47
N LYS A 118 -40.74 14.96 3.22
CA LYS A 118 -40.09 14.09 4.21
C LYS A 118 -38.60 14.38 4.33
N GLY A 119 -38.00 14.89 3.24
CA GLY A 119 -36.60 15.32 3.28
C GLY A 119 -36.51 16.57 4.14
N LEU A 120 -37.41 17.51 3.91
CA LEU A 120 -37.46 18.74 4.71
C LEU A 120 -37.63 18.40 6.20
N ASP A 121 -38.59 17.52 6.51
CA ASP A 121 -38.86 17.01 7.85
C ASP A 121 -37.60 16.47 8.55
N PHE A 122 -36.84 15.61 7.87
CA PHE A 122 -35.58 15.08 8.44
C PHE A 122 -34.65 16.20 8.94
N TYR A 123 -34.42 17.23 8.12
CA TYR A 123 -33.55 18.33 8.55
C TYR A 123 -34.22 19.32 9.52
N ASN A 124 -35.52 19.55 9.34
CA ASN A 124 -36.25 20.38 10.30
C ASN A 124 -36.11 19.85 11.75
N ARG A 125 -36.20 18.54 11.93
CA ARG A 125 -36.02 17.93 13.27
C ARG A 125 -34.62 18.13 13.86
N ILE A 126 -33.61 18.02 13.01
CA ILE A 126 -32.24 18.24 13.41
C ILE A 126 -32.03 19.70 13.80
N ILE A 127 -32.54 20.62 12.99
CA ILE A 127 -32.38 22.08 13.20
C ILE A 127 -33.03 22.51 14.52
N ASP A 128 -34.29 22.13 14.71
CA ASP A 128 -35.07 22.44 15.93
C ASP A 128 -34.44 21.86 17.20
N THR A 129 -33.92 20.64 17.12
CA THR A 129 -33.26 19.98 18.25
C THR A 129 -31.99 20.75 18.62
N LEU A 130 -31.21 21.13 17.62
CA LEU A 130 -30.00 21.92 17.85
C LEU A 130 -30.32 23.23 18.57
N LEU A 131 -31.32 23.96 18.05
CA LEU A 131 -31.73 25.26 18.62
C LEU A 131 -32.23 25.10 20.07
N GLU A 132 -33.06 24.08 20.30
CA GLU A 132 -33.51 23.73 21.66
C GLU A 132 -32.34 23.52 22.59
N LYS A 133 -31.31 22.83 22.09
CA LYS A 133 -30.11 22.52 22.86
C LYS A 133 -29.12 23.67 22.88
N GLY A 134 -29.45 24.78 22.20
CA GLY A 134 -28.53 25.92 22.13
C GLY A 134 -27.25 25.66 21.33
N ILE A 135 -27.34 24.83 20.30
CA ILE A 135 -26.22 24.61 19.39
C ILE A 135 -26.48 25.38 18.10
N THR A 136 -25.46 26.11 17.61
CA THR A 136 -25.63 26.95 16.42
C THR A 136 -25.49 26.11 15.15
N PRO A 137 -26.54 26.01 14.34
CA PRO A 137 -26.45 25.26 13.06
C PRO A 137 -25.70 26.03 11.96
N PHE A 138 -24.68 25.38 11.39
CA PHE A 138 -24.00 25.87 10.17
C PHE A 138 -24.32 24.89 9.03
N VAL A 139 -25.12 25.32 8.06
CA VAL A 139 -25.61 24.39 7.01
C VAL A 139 -24.77 24.50 5.73
N THR A 140 -24.25 23.37 5.27
CA THR A 140 -23.61 23.28 3.95
C THR A 140 -24.66 22.81 2.93
N ILE A 141 -24.98 23.68 2.00
CA ILE A 141 -25.97 23.39 0.97
C ILE A 141 -25.49 22.22 0.06
N TYR A 142 -24.22 22.23 -0.31
CA TYR A 142 -23.69 21.20 -1.21
C TYR A 142 -22.40 20.64 -0.69
N HIS A 143 -22.44 19.39 -0.27
CA HIS A 143 -21.24 18.65 0.13
C HIS A 143 -21.15 17.36 -0.69
N TRP A 144 -21.30 17.48 -2.02
CA TRP A 144 -20.82 16.49 -3.02
C TRP A 144 -21.84 15.47 -3.52
N ASP A 145 -22.97 15.34 -2.84
CA ASP A 145 -24.02 14.38 -3.25
C ASP A 145 -25.05 14.99 -4.22
N LEU A 146 -24.58 15.36 -5.41
CA LEU A 146 -25.44 15.93 -6.46
C LEU A 146 -26.57 14.93 -6.79
N PRO A 147 -27.79 15.38 -7.05
CA PRO A 147 -28.81 14.47 -7.59
C PRO A 147 -28.33 13.80 -8.89
N PHE A 148 -28.45 12.50 -8.91
CA PHE A 148 -28.14 11.73 -10.11
C PHE A 148 -28.89 12.25 -11.33
N ALA A 149 -30.15 12.65 -11.16
CA ALA A 149 -30.98 13.13 -12.25
C ALA A 149 -30.32 14.33 -12.94
N LEU A 150 -29.58 15.13 -12.17
CA LEU A 150 -28.94 16.29 -12.74
C LEU A 150 -27.63 15.91 -13.41
N GLN A 151 -26.93 14.89 -12.89
CA GLN A 151 -25.71 14.37 -13.53
C GLN A 151 -26.00 13.87 -14.95
N LEU A 152 -27.17 13.28 -15.14
CA LEU A 152 -27.62 12.85 -16.50
C LEU A 152 -27.78 14.01 -17.45
N LYS A 153 -27.95 15.22 -16.90
CA LYS A 153 -28.03 16.44 -17.72
C LYS A 153 -26.71 17.20 -17.74
N GLY A 154 -25.62 16.51 -17.41
CA GLY A 154 -24.27 17.09 -17.40
C GLY A 154 -23.72 17.52 -16.05
N GLY A 155 -24.58 17.60 -15.01
CA GLY A 155 -24.14 18.03 -13.64
C GLY A 155 -23.40 19.36 -13.69
N TRP A 156 -22.24 19.42 -13.00
CA TRP A 156 -21.49 20.67 -12.87
C TRP A 156 -20.89 21.17 -14.19
N ALA A 157 -20.88 20.32 -15.23
CA ALA A 157 -20.44 20.71 -16.59
C ALA A 157 -21.46 21.58 -17.33
N ASN A 158 -22.73 21.51 -16.93
CA ASN A 158 -23.82 22.25 -17.59
C ASN A 158 -24.07 23.65 -16.99
N ARG A 159 -24.03 24.71 -17.82
CA ARG A 159 -24.22 26.09 -17.33
C ARG A 159 -25.51 26.25 -16.58
N GLU A 160 -26.50 25.47 -16.96
CA GLU A 160 -27.82 25.50 -16.31
C GLU A 160 -27.84 25.09 -14.83
N ILE A 161 -26.77 24.46 -14.34
CA ILE A 161 -26.70 24.14 -12.91
C ILE A 161 -26.73 25.40 -12.02
N ALA A 162 -26.31 26.56 -12.58
CA ALA A 162 -26.45 27.83 -11.83
C ALA A 162 -27.92 28.07 -11.47
N ASP A 163 -28.82 27.85 -12.45
CA ASP A 163 -30.29 27.91 -12.21
C ASP A 163 -30.80 26.81 -11.29
N TRP A 164 -30.39 25.57 -11.55
CA TRP A 164 -30.83 24.45 -10.69
C TRP A 164 -30.39 24.68 -9.24
N PHE A 165 -29.13 25.08 -9.05
CA PHE A 165 -28.60 25.32 -7.73
C PHE A 165 -29.30 26.48 -7.00
N ALA A 166 -29.66 27.52 -7.75
CA ALA A 166 -30.43 28.66 -7.19
C ALA A 166 -31.84 28.24 -6.72
N GLU A 167 -32.50 27.41 -7.52
CA GLU A 167 -33.84 26.88 -7.15
C GLU A 167 -33.76 26.01 -5.88
N TYR A 168 -32.77 25.13 -5.82
CA TYR A 168 -32.51 24.32 -4.65
C TYR A 168 -32.22 25.20 -3.40
N SER A 169 -31.25 26.08 -3.50
CA SER A 169 -30.93 27.01 -2.41
C SER A 169 -32.17 27.78 -1.94
N ARG A 170 -33.00 28.25 -2.86
CA ARG A 170 -34.22 29.01 -2.52
C ARG A 170 -35.21 28.21 -1.67
N VAL A 171 -35.32 26.91 -1.97
CA VAL A 171 -36.16 26.02 -1.20
C VAL A 171 -35.66 25.91 0.25
N LEU A 172 -34.35 25.72 0.41
CA LEU A 172 -33.74 25.65 1.73
C LEU A 172 -33.91 26.95 2.50
N PHE A 173 -33.65 28.07 1.82
CA PHE A 173 -33.78 29.38 2.47
C PHE A 173 -35.24 29.60 2.93
N GLU A 174 -36.20 29.35 2.03
CA GLU A 174 -37.64 29.55 2.33
C GLU A 174 -38.10 28.65 3.48
N ASN A 175 -37.60 27.42 3.50
CA ASN A 175 -37.98 26.45 4.51
C ASN A 175 -37.27 26.56 5.86
N PHE A 176 -35.96 26.83 5.82
CA PHE A 176 -35.14 26.79 7.04
C PHE A 176 -34.57 28.14 7.48
N GLY A 177 -34.57 29.16 6.61
CA GLY A 177 -33.90 30.44 6.90
C GLY A 177 -34.53 31.26 8.06
N ASP A 178 -35.70 30.83 8.52
CA ASP A 178 -36.30 31.41 9.73
C ASP A 178 -35.48 31.02 10.96
N ARG A 179 -34.80 29.88 10.91
CA ARG A 179 -34.04 29.34 12.05
C ARG A 179 -32.53 29.26 11.82
N VAL A 180 -32.12 28.84 10.61
CA VAL A 180 -30.69 28.75 10.33
C VAL A 180 -30.29 30.11 9.78
N LYS A 181 -29.24 30.68 10.36
CA LYS A 181 -28.80 32.03 9.99
C LYS A 181 -27.41 32.04 9.39
N ASN A 182 -26.71 30.91 9.46
CA ASN A 182 -25.35 30.76 8.93
C ASN A 182 -25.30 29.64 7.86
N TRP A 183 -24.95 30.01 6.63
CA TRP A 183 -25.04 29.12 5.47
C TRP A 183 -23.71 29.06 4.71
N ILE A 184 -23.43 27.91 4.09
CA ILE A 184 -22.26 27.68 3.25
C ILE A 184 -22.75 27.10 1.90
N THR A 185 -22.46 27.78 0.77
CA THR A 185 -22.97 27.31 -0.54
C THR A 185 -22.32 25.99 -0.90
N LEU A 186 -20.99 26.00 -0.93
CA LEU A 186 -20.21 24.87 -1.45
C LEU A 186 -19.09 24.44 -0.49
N ASN A 187 -18.94 23.13 -0.34
CA ASN A 187 -17.76 22.51 0.28
C ASN A 187 -16.70 22.06 -0.72
N GLU A 188 -15.51 22.69 -0.67
CA GLU A 188 -14.34 22.29 -1.43
C GLU A 188 -14.62 22.17 -2.95
N PRO A 189 -15.03 23.27 -3.58
CA PRO A 189 -15.33 23.21 -5.00
C PRO A 189 -14.11 22.80 -5.85
N TRP A 190 -12.86 23.02 -5.38
CA TRP A 190 -11.72 22.50 -6.15
C TRP A 190 -11.81 20.97 -6.26
N VAL A 191 -12.08 20.31 -5.14
CA VAL A 191 -12.21 18.84 -5.12
C VAL A 191 -13.37 18.33 -6.01
N VAL A 192 -14.54 18.97 -5.91
CA VAL A 192 -15.70 18.64 -6.71
C VAL A 192 -15.33 18.69 -8.19
N ALA A 193 -14.66 19.77 -8.59
CA ALA A 193 -14.25 19.94 -9.97
C ALA A 193 -13.13 18.99 -10.36
N ILE A 194 -11.98 19.13 -9.68
CA ILE A 194 -10.78 18.44 -10.14
C ILE A 194 -10.78 16.97 -9.77
N VAL A 195 -11.11 16.64 -8.53
CA VAL A 195 -11.06 15.21 -8.14
C VAL A 195 -12.25 14.45 -8.78
N GLY A 196 -13.37 15.13 -8.99
CA GLY A 196 -14.55 14.48 -9.61
C GLY A 196 -14.46 14.38 -11.12
N HIS A 197 -13.83 15.37 -11.76
CA HIS A 197 -13.92 15.49 -13.23
C HIS A 197 -12.58 15.46 -14.00
N LEU A 198 -11.44 15.52 -13.28
CA LEU A 198 -10.12 15.38 -13.88
C LEU A 198 -9.41 14.11 -13.41
N TYR A 199 -9.38 13.89 -12.09
CA TYR A 199 -8.71 12.72 -11.56
C TYR A 199 -9.62 11.51 -11.65
N GLY A 200 -10.94 11.75 -11.63
CA GLY A 200 -11.90 10.65 -11.72
C GLY A 200 -11.97 9.77 -10.48
N VAL A 201 -11.44 10.27 -9.38
CA VAL A 201 -11.34 9.48 -8.15
C VAL A 201 -12.62 9.63 -7.30
N HIS A 202 -13.35 10.71 -7.51
CA HIS A 202 -14.61 10.97 -6.79
C HIS A 202 -15.72 11.04 -7.82
N ALA A 203 -16.96 10.86 -7.39
CA ALA A 203 -18.12 11.07 -8.28
C ALA A 203 -18.05 12.44 -8.97
N PRO A 204 -18.45 12.54 -10.24
CA PRO A 204 -19.02 11.43 -10.99
C PRO A 204 -18.00 10.58 -11.74
N GLY A 205 -16.72 10.73 -11.41
CA GLY A 205 -15.68 9.82 -11.88
C GLY A 205 -15.23 10.01 -13.30
N MET A 206 -15.09 11.26 -13.70
CA MET A 206 -14.69 11.62 -15.06
C MET A 206 -13.22 12.03 -15.13
N ARG A 207 -12.61 11.93 -16.32
CA ARG A 207 -11.22 12.39 -16.59
C ARG A 207 -11.17 13.22 -17.86
N ASP A 208 -11.51 14.50 -17.72
CA ASP A 208 -11.53 15.37 -18.85
C ASP A 208 -11.23 16.74 -18.31
N ILE A 209 -10.09 17.30 -18.71
CA ILE A 209 -9.63 18.58 -18.17
C ILE A 209 -10.51 19.78 -18.57
N TYR A 210 -11.14 19.72 -19.74
CA TYR A 210 -12.02 20.77 -20.18
C TYR A 210 -13.37 20.78 -19.38
N VAL A 211 -13.91 19.59 -19.16
CA VAL A 211 -15.03 19.44 -18.23
C VAL A 211 -14.64 19.97 -16.83
N ALA A 212 -13.48 19.56 -16.31
CA ALA A 212 -13.07 19.96 -14.97
C ALA A 212 -13.03 21.47 -14.78
N PHE A 213 -12.54 22.20 -15.80
CA PHE A 213 -12.47 23.65 -15.66
C PHE A 213 -13.79 24.33 -15.95
N ARG A 214 -14.65 23.68 -16.72
CA ARG A 214 -16.01 24.19 -16.83
C ARG A 214 -16.81 24.03 -15.51
N ALA A 215 -16.57 22.93 -14.81
CA ALA A 215 -17.12 22.70 -13.47
C ALA A 215 -16.62 23.75 -12.47
N VAL A 216 -15.33 24.08 -12.50
CA VAL A 216 -14.82 25.20 -11.67
C VAL A 216 -15.67 26.43 -11.88
N HIS A 217 -15.83 26.81 -13.15
CA HIS A 217 -16.53 28.04 -13.52
C HIS A 217 -18.01 27.99 -13.11
N ASN A 218 -18.66 26.88 -13.40
CA ASN A 218 -20.09 26.73 -13.07
C ASN A 218 -20.38 26.68 -11.55
N LEU A 219 -19.49 26.08 -10.78
CA LEU A 219 -19.50 26.13 -9.30
C LEU A 219 -19.47 27.57 -8.79
N LEU A 220 -18.60 28.41 -9.36
CA LEU A 220 -18.60 29.84 -9.02
C LEU A 220 -19.90 30.54 -9.40
N ARG A 221 -20.40 30.29 -10.60
CA ARG A 221 -21.67 30.93 -11.03
C ARG A 221 -22.82 30.49 -10.16
N ALA A 222 -22.87 29.20 -9.82
CA ALA A 222 -23.95 28.66 -9.00
C ALA A 222 -23.85 29.22 -7.59
N HIS A 223 -22.64 29.22 -7.02
CA HIS A 223 -22.41 29.88 -5.72
C HIS A 223 -22.95 31.32 -5.67
N ALA A 224 -22.62 32.10 -6.70
CA ALA A 224 -23.06 33.51 -6.73
C ALA A 224 -24.57 33.68 -6.90
N ARG A 225 -25.19 32.82 -7.71
CA ARG A 225 -26.66 32.85 -7.82
C ARG A 225 -27.37 32.54 -6.49
N ALA A 226 -26.80 31.60 -5.74
CA ALA A 226 -27.33 31.20 -4.45
C ALA A 226 -27.21 32.36 -3.45
N VAL A 227 -26.05 33.02 -3.40
CA VAL A 227 -25.91 34.24 -2.56
C VAL A 227 -26.94 35.34 -2.91
N LYS A 228 -27.11 35.63 -4.20
CA LYS A 228 -28.13 36.56 -4.69
C LYS A 228 -29.55 36.20 -4.22
N VAL A 229 -29.90 34.93 -4.31
CA VAL A 229 -31.20 34.45 -3.80
C VAL A 229 -31.26 34.62 -2.27
N PHE A 230 -30.16 34.33 -1.57
CA PHE A 230 -30.05 34.50 -0.10
C PHE A 230 -30.44 35.92 0.34
N ARG A 231 -29.94 36.93 -0.38
CA ARG A 231 -30.20 38.35 -0.05
C ARG A 231 -31.65 38.77 -0.15
N GLU A 232 -32.44 38.07 -0.96
CA GLU A 232 -33.89 38.33 -1.11
C GLU A 232 -34.77 37.57 -0.13
N THR A 233 -34.23 36.48 0.45
CA THR A 233 -35.06 35.54 1.19
C THR A 233 -34.69 35.42 2.65
N VAL A 234 -33.42 35.65 2.98
CA VAL A 234 -32.96 35.59 4.37
C VAL A 234 -32.23 36.90 4.70
N LYS A 235 -33.00 37.98 4.85
CA LYS A 235 -32.46 39.32 5.05
C LYS A 235 -31.60 39.49 6.33
N ASP A 236 -31.79 38.62 7.33
CA ASP A 236 -30.97 38.63 8.56
C ASP A 236 -29.89 37.53 8.74
N GLY A 237 -29.51 36.79 7.70
CA GLY A 237 -28.53 35.71 7.91
C GLY A 237 -27.18 36.04 7.30
N LYS A 238 -26.19 35.16 7.48
CA LYS A 238 -24.89 35.26 6.82
C LYS A 238 -24.55 34.03 5.95
N ILE A 239 -23.88 34.27 4.83
CA ILE A 239 -23.53 33.18 3.89
C ILE A 239 -22.09 33.31 3.40
N GLY A 240 -21.42 32.15 3.27
CA GLY A 240 -20.02 32.05 2.88
C GLY A 240 -19.78 30.78 2.04
N ILE A 241 -18.54 30.35 1.96
CA ILE A 241 -18.11 29.28 1.05
C ILE A 241 -16.82 28.72 1.61
N VAL A 242 -16.63 27.40 1.42
CA VAL A 242 -15.55 26.67 2.09
C VAL A 242 -14.57 26.09 1.09
N PHE A 243 -13.27 26.29 1.34
CA PHE A 243 -12.20 25.79 0.45
C PHE A 243 -11.26 24.86 1.15
N ASN A 244 -10.80 23.81 0.44
CA ASN A 244 -9.69 23.00 0.93
C ASN A 244 -8.41 23.81 0.73
N ASN A 245 -7.41 23.54 1.56
CA ASN A 245 -6.10 24.24 1.44
C ASN A 245 -4.98 23.35 1.90
N GLY A 246 -3.87 23.42 1.19
CA GLY A 246 -2.61 22.79 1.58
C GLY A 246 -1.51 23.83 1.81
N TYR A 247 -0.52 23.49 2.63
CA TYR A 247 0.65 24.36 2.82
C TYR A 247 1.80 23.81 1.98
N PHE A 248 2.05 24.47 0.86
CA PHE A 248 3.04 23.99 -0.07
C PHE A 248 4.39 24.69 0.14
N GLU A 249 5.46 23.89 0.11
CA GLU A 249 6.85 24.40 0.23
C GLU A 249 7.69 23.87 -0.91
N PRO A 250 8.69 24.65 -1.37
CA PRO A 250 9.49 24.25 -2.53
C PRO A 250 10.64 23.31 -2.21
N ALA A 251 10.91 22.37 -3.12
CA ALA A 251 11.97 21.38 -2.93
C ALA A 251 13.40 21.95 -3.12
N SER A 252 13.51 23.18 -3.63
CA SER A 252 14.78 23.92 -3.78
C SER A 252 14.56 25.43 -4.00
N GLU A 253 15.52 26.26 -3.59
CA GLU A 253 15.47 27.72 -3.74
C GLU A 253 15.52 28.15 -5.21
N LYS A 254 15.44 27.16 -6.09
CA LYS A 254 15.53 27.32 -7.52
C LYS A 254 14.40 28.16 -8.15
N GLU A 256 11.97 27.99 -10.97
CA GLU A 256 10.92 27.05 -11.34
C GLU A 256 10.24 26.36 -10.13
N ASP A 257 11.03 26.08 -9.08
CA ASP A 257 10.55 25.40 -7.88
C ASP A 257 9.66 26.30 -7.04
N ILE A 258 10.10 27.55 -6.88
CA ILE A 258 9.34 28.54 -6.13
C ILE A 258 8.01 28.89 -6.83
N ARG A 259 8.04 28.95 -8.16
CA ARG A 259 6.86 29.24 -8.97
C ARG A 259 5.85 28.08 -8.93
N ALA A 260 6.36 26.85 -9.02
CA ALA A 260 5.54 25.64 -8.85
C ALA A 260 4.72 25.70 -7.55
N VAL A 261 5.33 26.20 -6.48
CA VAL A 261 4.65 26.43 -5.21
C VAL A 261 3.60 27.53 -5.27
N ARG A 262 3.93 28.62 -5.96
CA ARG A 262 3.01 29.72 -6.22
C ARG A 262 1.83 29.21 -7.02
N PHE A 263 2.09 28.30 -7.97
CA PHE A 263 1.05 27.70 -8.79
C PHE A 263 0.07 26.90 -7.93
N MET A 264 0.60 26.07 -7.04
CA MET A 264 -0.19 25.18 -6.18
C MET A 264 -1.06 25.95 -5.19
N HIS A 265 -0.52 27.04 -4.67
CA HIS A 265 -1.33 27.87 -3.81
C HIS A 265 -2.51 28.46 -4.61
N GLN A 266 -2.23 29.00 -5.80
CA GLN A 266 -3.27 29.66 -6.59
C GLN A 266 -4.35 28.74 -7.15
N PHE A 267 -3.95 27.50 -7.43
CA PHE A 267 -4.80 26.48 -8.02
C PHE A 267 -5.52 25.65 -6.96
N ASN A 268 -4.76 25.10 -6.03
CA ASN A 268 -5.28 24.15 -5.05
C ASN A 268 -5.94 24.84 -3.83
N ASN A 269 -5.58 26.11 -3.57
CA ASN A 269 -6.06 26.82 -2.36
C ASN A 269 -7.15 27.87 -2.67
N TYR A 270 -7.65 28.58 -1.65
CA TYR A 270 -8.76 29.55 -1.83
C TYR A 270 -8.64 30.55 -3.02
N PRO A 271 -7.44 30.90 -3.54
CA PRO A 271 -7.37 31.93 -4.58
C PRO A 271 -8.07 31.56 -5.89
N LEU A 272 -8.13 30.28 -6.22
CA LEU A 272 -8.80 29.86 -7.46
C LEU A 272 -10.23 30.43 -7.53
N PHE A 273 -10.85 30.52 -6.35
CA PHE A 273 -12.23 30.98 -6.20
C PHE A 273 -12.32 32.39 -5.64
N LEU A 274 -11.38 32.75 -4.75
CA LEU A 274 -11.46 34.08 -4.11
C LEU A 274 -10.98 35.22 -5.02
N ASN A 275 -10.08 34.92 -5.94
CA ASN A 275 -9.72 35.91 -6.96
C ASN A 275 -10.90 36.29 -7.83
N PRO A 276 -11.63 35.34 -8.40
CA PRO A 276 -12.91 35.68 -9.02
C PRO A 276 -13.84 36.47 -8.10
N ILE A 277 -14.10 35.96 -6.89
CA ILE A 277 -15.08 36.59 -5.99
C ILE A 277 -14.72 38.04 -5.59
N TYR A 278 -13.45 38.28 -5.32
CA TYR A 278 -12.99 39.57 -4.82
C TYR A 278 -12.40 40.48 -5.89
N ARG A 279 -11.77 39.88 -6.92
CA ARG A 279 -11.02 40.65 -7.93
C ARG A 279 -11.57 40.46 -9.36
N GLY A 280 -12.47 39.49 -9.56
CA GLY A 280 -13.17 39.36 -10.84
C GLY A 280 -12.36 38.73 -11.94
N ASP A 281 -11.34 37.95 -11.60
CA ASP A 281 -10.72 37.08 -12.58
C ASP A 281 -10.03 35.96 -11.87
N TYR A 282 -9.73 34.87 -12.56
CA TYR A 282 -8.89 33.80 -11.99
C TYR A 282 -7.48 34.29 -11.68
N PRO A 283 -6.77 33.66 -10.74
CA PRO A 283 -5.36 34.00 -10.45
C PRO A 283 -4.42 33.79 -11.66
N GLU A 284 -3.34 34.57 -11.69
CA GLU A 284 -2.38 34.61 -12.80
C GLU A 284 -1.88 33.27 -13.29
N LEU A 285 -1.36 32.46 -12.39
CA LEU A 285 -0.77 31.18 -12.77
C LEU A 285 -1.81 30.11 -13.19
N VAL A 286 -3.05 30.26 -12.68
CA VAL A 286 -4.17 29.42 -13.13
C VAL A 286 -4.48 29.73 -14.59
N LEU A 287 -4.64 31.00 -14.92
CA LEU A 287 -4.85 31.41 -16.31
C LEU A 287 -3.71 30.93 -17.24
N GLU A 288 -2.48 30.96 -16.75
CA GLU A 288 -1.34 30.51 -17.54
C GLU A 288 -1.45 29.01 -17.87
N PHE A 289 -1.76 28.20 -16.86
CA PHE A 289 -1.94 26.75 -17.04
C PHE A 289 -3.23 26.38 -17.78
N ALA A 290 -4.32 27.07 -17.46
CA ALA A 290 -5.65 26.55 -17.76
C ALA A 290 -6.55 27.38 -18.67
N ARG A 291 -6.06 28.50 -19.20
CA ARG A 291 -6.90 29.36 -20.03
C ARG A 291 -7.63 28.61 -21.14
N GLU A 292 -6.94 27.66 -21.79
CA GLU A 292 -7.49 26.90 -22.94
C GLU A 292 -8.69 26.01 -22.55
N TYR A 293 -8.74 25.66 -21.26
CA TYR A 293 -9.75 24.73 -20.70
C TYR A 293 -11.00 25.43 -20.21
N LEU A 294 -10.89 26.75 -20.00
CA LEU A 294 -12.03 27.55 -19.54
C LEU A 294 -12.92 27.94 -20.70
N PRO A 295 -14.22 28.22 -20.45
CA PRO A 295 -15.08 28.68 -21.54
C PRO A 295 -14.43 29.91 -22.17
N GLU A 296 -14.66 30.11 -23.46
CA GLU A 296 -13.99 31.17 -24.23
C GLU A 296 -14.28 32.56 -23.70
N ASN A 297 -15.54 32.80 -23.36
CA ASN A 297 -15.96 34.11 -22.84
C ASN A 297 -16.28 34.07 -21.32
N TYR A 298 -15.48 33.32 -20.58
CA TYR A 298 -15.70 33.12 -19.15
C TYR A 298 -15.76 34.45 -18.38
N LYS A 299 -15.04 35.47 -18.88
CA LYS A 299 -15.01 36.79 -18.25
C LYS A 299 -16.40 37.46 -18.19
N ASP A 300 -17.29 37.10 -19.12
CA ASP A 300 -18.66 37.63 -19.12
C ASP A 300 -19.42 37.37 -17.82
N ASP A 301 -19.03 36.31 -17.12
CA ASP A 301 -19.73 35.90 -15.90
C ASP A 301 -19.14 36.51 -14.63
N MET A 302 -17.98 37.16 -14.75
CA MET A 302 -17.25 37.60 -13.56
C MET A 302 -17.95 38.71 -12.78
N SER A 303 -18.64 39.61 -13.47
CA SER A 303 -19.41 40.65 -12.77
C SER A 303 -20.36 40.00 -11.76
N GLU A 304 -21.08 38.96 -12.18
CA GLU A 304 -22.05 38.27 -11.32
C GLU A 304 -21.39 37.44 -10.20
N ILE A 305 -20.23 36.87 -10.51
CA ILE A 305 -19.47 36.06 -9.56
C ILE A 305 -18.99 36.84 -8.33
N GLN A 306 -18.77 38.14 -8.50
CA GLN A 306 -18.34 38.99 -7.37
C GLN A 306 -19.42 39.30 -6.32
N GLU A 307 -20.56 38.63 -6.38
CA GLU A 307 -21.59 38.76 -5.36
C GLU A 307 -20.96 38.72 -3.94
N LYS A 308 -21.29 39.72 -3.12
CA LYS A 308 -20.65 39.86 -1.82
C LYS A 308 -20.97 38.68 -0.87
N ILE A 309 -19.92 38.12 -0.28
CA ILE A 309 -20.04 37.06 0.72
C ILE A 309 -19.75 37.62 2.11
N ASP A 310 -20.27 36.92 3.13
CA ASP A 310 -20.14 37.37 4.52
C ASP A 310 -18.92 36.80 5.23
N PHE A 311 -18.49 35.59 4.84
CA PHE A 311 -17.33 34.94 5.45
C PHE A 311 -16.68 33.92 4.51
N VAL A 312 -15.45 33.53 4.85
CA VAL A 312 -14.67 32.50 4.16
C VAL A 312 -14.39 31.36 5.15
N GLY A 313 -14.64 30.12 4.72
CA GLY A 313 -14.33 28.97 5.53
C GLY A 313 -13.14 28.33 4.89
N LEU A 314 -12.10 28.07 5.68
CA LEU A 314 -10.95 27.34 5.21
C LEU A 314 -10.94 25.99 5.91
N ASN A 315 -10.72 24.93 5.12
CA ASN A 315 -10.42 23.62 5.63
C ASN A 315 -8.91 23.48 5.52
N TYR A 316 -8.34 22.68 6.40
CA TYR A 316 -6.88 22.47 6.44
C TYR A 316 -6.47 21.18 7.15
N TYR A 317 -5.56 20.42 6.50
CA TYR A 317 -5.12 19.12 7.00
C TYR A 317 -3.60 18.92 6.96
N SER A 318 -2.94 19.36 5.88
CA SER A 318 -1.58 18.89 5.59
C SER A 318 -0.65 19.86 4.83
N GLY A 319 0.66 19.56 4.92
CA GLY A 319 1.71 20.28 4.17
C GLY A 319 2.32 19.42 3.08
N HIS A 320 2.88 20.06 2.06
CA HIS A 320 3.39 19.36 0.90
C HIS A 320 4.67 20.02 0.36
N LEU A 321 5.73 19.24 0.23
CA LEU A 321 6.93 19.67 -0.47
C LEU A 321 6.75 19.44 -1.95
N VAL A 322 7.10 20.45 -2.74
CA VAL A 322 6.74 20.54 -4.13
C VAL A 322 7.94 20.95 -4.96
N LYS A 323 8.03 20.43 -6.18
CA LYS A 323 9.03 20.91 -7.12
C LYS A 323 8.50 20.92 -8.55
N PHE A 324 9.12 21.73 -9.40
CA PHE A 324 8.89 21.66 -10.83
C PHE A 324 9.30 20.29 -11.32
N ASP A 325 8.59 19.79 -12.32
CA ASP A 325 8.74 18.43 -12.79
C ASP A 325 8.08 18.36 -14.17
N PRO A 326 8.90 18.34 -15.24
CA PRO A 326 8.42 18.48 -16.61
C PRO A 326 7.46 17.37 -17.01
N ALA A 330 0.74 18.65 -14.16
CA ALA A 330 0.56 20.09 -14.15
C ALA A 330 1.92 20.78 -14.01
N LYS A 331 2.95 20.08 -14.50
CA LYS A 331 4.36 20.46 -14.35
C LYS A 331 4.81 20.57 -12.88
N VAL A 332 4.15 19.80 -12.00
CA VAL A 332 4.41 19.80 -10.56
C VAL A 332 4.24 18.39 -10.00
N SER A 333 5.14 17.97 -9.11
CA SER A 333 4.88 16.76 -8.35
C SER A 333 5.39 16.90 -6.92
N PHE A 334 4.90 16.04 -6.03
CA PHE A 334 5.20 16.14 -4.60
C PHE A 334 6.45 15.37 -4.26
N VAL A 335 7.18 15.87 -3.27
CA VAL A 335 8.34 15.16 -2.76
C VAL A 335 8.01 14.72 -1.34
N GLU A 336 8.16 13.43 -1.08
CA GLU A 336 7.93 12.89 0.25
C GLU A 336 8.98 13.40 1.24
N ARG A 337 8.55 13.62 2.47
CA ARG A 337 9.41 14.12 3.52
C ARG A 337 9.29 13.20 4.73
N ASP A 338 10.38 13.10 5.47
CA ASP A 338 10.40 12.30 6.68
C ASP A 338 9.81 13.12 7.81
N LEU A 339 8.50 13.38 7.71
CA LEU A 339 7.73 14.02 8.77
C LEU A 339 6.72 13.00 9.30
N PRO A 340 6.27 13.16 10.53
CA PRO A 340 5.13 12.39 11.03
C PRO A 340 3.97 12.50 10.04
N LYS A 341 3.32 11.38 9.78
CA LYS A 341 2.18 11.29 8.86
C LYS A 341 0.93 10.75 9.56
N THR A 342 -0.25 11.00 8.99
CA THR A 342 -1.50 10.41 9.51
C THR A 342 -1.74 9.09 8.77
N ALA A 343 -2.77 8.35 9.16
CA ALA A 343 -3.17 7.14 8.42
C ALA A 343 -3.48 7.40 6.93
N MET A 344 -3.79 8.64 6.58
CA MET A 344 -3.95 9.01 5.16
C MET A 344 -2.61 9.10 4.45
N GLY A 345 -1.51 9.15 5.22
CA GLY A 345 -0.18 9.43 4.70
C GLY A 345 0.06 10.93 4.48
N TRP A 346 -0.75 11.75 5.14
CA TRP A 346 -0.64 13.19 5.01
C TRP A 346 0.35 13.68 6.06
N GLU A 347 1.38 14.39 5.62
CA GLU A 347 2.38 14.91 6.55
C GLU A 347 1.74 15.93 7.48
N ILE A 348 2.07 15.84 8.76
CA ILE A 348 1.52 16.71 9.79
C ILE A 348 2.37 17.97 9.90
N VAL A 349 1.79 19.12 9.51
CA VAL A 349 2.53 20.38 9.43
C VAL A 349 1.68 21.49 10.04
N PRO A 350 1.61 21.57 11.37
CA PRO A 350 0.69 22.50 12.04
C PRO A 350 0.85 23.97 11.66
N GLU A 351 2.08 24.40 11.36
CA GLU A 351 2.31 25.81 10.97
C GLU A 351 1.60 26.21 9.65
N GLY A 352 1.13 25.20 8.91
CA GLY A 352 0.37 25.45 7.70
C GLY A 352 -0.94 26.19 7.94
N ILE A 353 -1.62 25.87 9.04
CA ILE A 353 -2.89 26.52 9.38
C ILE A 353 -2.76 28.00 9.77
N TYR A 354 -1.64 28.34 10.44
CA TYR A 354 -1.21 29.73 10.67
C TYR A 354 -0.90 30.40 9.33
N TRP A 355 -0.12 29.72 8.50
CA TRP A 355 0.22 30.28 7.20
C TRP A 355 -1.02 30.63 6.35
N ILE A 356 -2.00 29.73 6.29
CA ILE A 356 -3.16 29.90 5.40
C ILE A 356 -4.10 30.97 5.95
N LEU A 357 -4.18 31.08 7.28
CA LEU A 357 -4.97 32.14 7.90
C LEU A 357 -4.40 33.54 7.67
N LYS A 358 -3.09 33.68 7.83
CA LYS A 358 -2.37 34.94 7.58
C LYS A 358 -2.48 35.33 6.10
N LYS A 359 -2.27 34.33 5.24
CA LYS A 359 -2.24 34.55 3.81
C LYS A 359 -3.60 35.01 3.29
N VAL A 360 -4.69 34.43 3.79
CA VAL A 360 -6.01 34.85 3.32
C VAL A 360 -6.32 36.29 3.73
N LYS A 361 -5.93 36.69 4.95
CA LYS A 361 -6.10 38.09 5.36
C LYS A 361 -5.26 38.98 4.44
N GLU A 362 -4.00 38.61 4.28
CA GLU A 362 -3.07 39.36 3.46
C GLU A 362 -3.52 39.48 2.01
N GLU A 363 -4.18 38.47 1.46
CA GLU A 363 -4.50 38.50 0.03
C GLU A 363 -5.88 39.07 -0.28
N TYR A 364 -6.88 38.75 0.54
CA TYR A 364 -8.26 39.13 0.21
C TYR A 364 -8.97 39.85 1.35
N ASN A 365 -8.34 39.84 2.51
CA ASN A 365 -8.89 40.43 3.72
C ASN A 365 -10.40 40.24 3.96
N PRO A 366 -10.89 39.00 3.98
CA PRO A 366 -12.32 38.74 4.23
C PRO A 366 -12.73 39.30 5.60
N PRO A 367 -13.97 39.75 5.73
CA PRO A 367 -14.43 40.34 7.00
C PRO A 367 -14.42 39.30 8.14
N GLU A 368 -14.80 38.05 7.86
CA GLU A 368 -14.72 36.95 8.84
C GLU A 368 -14.10 35.69 8.21
N VAL A 369 -13.38 34.93 9.01
CA VAL A 369 -12.89 33.64 8.55
C VAL A 369 -13.35 32.59 9.57
N TYR A 370 -13.60 31.37 9.12
CA TYR A 370 -13.76 30.23 10.02
C TYR A 370 -12.82 29.15 9.55
N ILE A 371 -12.24 28.41 10.48
CA ILE A 371 -11.67 27.12 10.10
C ILE A 371 -12.86 26.14 10.13
N THR A 372 -13.26 25.68 8.95
CA THR A 372 -14.51 24.89 8.85
C THR A 372 -14.28 23.37 8.87
N GLU A 373 -13.01 22.96 8.85
CA GLU A 373 -12.60 21.57 9.01
C GLU A 373 -11.13 21.57 9.35
N ASN A 374 -10.76 20.79 10.38
CA ASN A 374 -9.36 20.42 10.71
C ASN A 374 -9.47 19.11 11.49
N GLY A 375 -8.65 18.12 11.14
CA GLY A 375 -8.73 16.82 11.77
C GLY A 375 -7.72 15.87 11.21
N ALA A 376 -7.78 14.63 11.68
CA ALA A 376 -6.80 13.61 11.32
C ALA A 376 -7.34 12.19 11.42
N ALA A 377 -6.89 11.35 10.48
CA ALA A 377 -7.16 9.93 10.50
C ALA A 377 -6.01 9.18 11.16
N PHE A 378 -6.36 8.40 12.19
CA PHE A 378 -5.38 7.51 12.82
C PHE A 378 -6.04 6.17 13.02
N ASP A 379 -5.20 5.15 13.13
CA ASP A 379 -5.70 3.79 13.20
C ASP A 379 -6.18 3.48 14.63
N ASP A 380 -7.39 3.96 14.94
CA ASP A 380 -8.00 3.82 16.27
C ASP A 380 -8.41 2.42 16.63
N VAL A 381 -8.19 2.08 17.90
CA VAL A 381 -8.57 0.77 18.45
C VAL A 381 -9.17 0.96 19.84
N VAL A 382 -10.23 0.20 20.11
CA VAL A 382 -10.86 0.23 21.42
C VAL A 382 -10.00 -0.65 22.33
N SER A 383 -9.38 -0.04 23.35
CA SER A 383 -8.55 -0.73 24.34
C SER A 383 -9.39 -1.66 25.20
N GLU A 384 -8.74 -2.51 25.98
CA GLU A 384 -9.49 -3.42 26.85
C GLU A 384 -10.26 -2.68 27.92
N ASP A 385 -9.84 -1.45 28.24
CA ASP A 385 -10.54 -0.62 29.22
C ASP A 385 -11.83 0.06 28.68
N GLY A 386 -12.15 -0.21 27.41
CA GLY A 386 -13.34 0.33 26.76
C GLY A 386 -13.17 1.71 26.13
N ARG A 387 -11.94 2.22 26.19
CA ARG A 387 -11.66 3.58 25.73
C ARG A 387 -10.86 3.62 24.44
N VAL A 388 -10.87 4.78 23.76
CA VAL A 388 -10.04 4.96 22.57
C VAL A 388 -8.96 6.00 22.85
N HIS A 389 -7.75 5.50 23.10
CA HIS A 389 -6.65 6.32 23.57
C HIS A 389 -5.87 7.00 22.44
N ASP A 390 -6.56 7.91 21.74
CA ASP A 390 -5.95 8.59 20.59
C ASP A 390 -5.12 9.85 20.88
N GLN A 391 -4.03 9.67 21.60
CA GLN A 391 -3.13 10.78 21.94
C GLN A 391 -2.58 11.43 20.67
N ASN A 392 -2.38 10.62 19.63
CA ASN A 392 -1.94 11.14 18.34
C ASN A 392 -2.91 12.21 17.77
N ARG A 393 -4.21 11.96 17.94
CA ARG A 393 -5.23 12.91 17.48
C ARG A 393 -5.25 14.13 18.38
N ILE A 394 -5.11 13.92 19.69
CA ILE A 394 -5.01 15.04 20.63
C ILE A 394 -3.84 15.92 20.27
N ASP A 395 -2.66 15.31 20.04
CA ASP A 395 -1.44 16.05 19.68
C ASP A 395 -1.63 16.91 18.42
N TYR A 396 -2.19 16.29 17.38
CA TYR A 396 -2.53 16.94 16.10
C TYR A 396 -3.42 18.14 16.34
N LEU A 397 -4.54 17.92 17.02
CA LEU A 397 -5.51 18.98 17.22
C LEU A 397 -4.92 20.16 18.01
N LYS A 398 -4.30 19.84 19.16
CA LYS A 398 -3.67 20.85 20.02
C LYS A 398 -2.72 21.77 19.25
N ALA A 399 -1.86 21.17 18.43
CA ALA A 399 -0.89 21.93 17.67
C ALA A 399 -1.51 22.88 16.66
N HIS A 400 -2.58 22.43 15.98
CA HIS A 400 -3.30 23.27 14.98
C HIS A 400 -4.13 24.36 15.65
N ILE A 401 -4.83 24.02 16.73
CA ILE A 401 -5.52 25.05 17.53
C ILE A 401 -4.52 26.11 18.07
N GLY A 402 -3.31 25.70 18.46
CA GLY A 402 -2.30 26.65 18.95
C GLY A 402 -1.92 27.65 17.87
N GLN A 403 -1.78 27.13 16.65
CA GLN A 403 -1.40 27.91 15.49
C GLN A 403 -2.52 28.84 15.05
N ALA A 404 -3.76 28.43 15.25
CA ALA A 404 -4.93 29.26 14.98
C ALA A 404 -5.01 30.42 15.99
N TRP A 405 -4.71 30.10 17.25
CA TRP A 405 -4.66 31.10 18.31
C TRP A 405 -3.67 32.22 17.93
N LYS A 406 -2.51 31.82 17.43
CA LYS A 406 -1.46 32.74 16.98
C LYS A 406 -1.98 33.73 15.92
N ALA A 407 -2.68 33.21 14.91
CA ALA A 407 -3.30 34.03 13.85
C ALA A 407 -4.26 35.07 14.43
N ILE A 408 -5.03 34.69 15.43
CA ILE A 408 -5.93 35.62 16.10
C ILE A 408 -5.15 36.77 16.78
N GLN A 409 -4.04 36.44 17.43
CA GLN A 409 -3.23 37.45 18.13
C GLN A 409 -2.66 38.43 17.11
N GLU A 410 -2.38 37.92 15.92
CA GLU A 410 -1.88 38.75 14.84
C GLU A 410 -2.94 39.32 13.91
N GLY A 411 -4.19 39.32 14.36
CA GLY A 411 -5.22 40.13 13.70
C GLY A 411 -6.12 39.47 12.68
N VAL A 412 -5.98 38.16 12.49
CA VAL A 412 -6.91 37.41 11.63
C VAL A 412 -8.30 37.32 12.29
N PRO A 413 -9.33 37.78 11.58
CA PRO A 413 -10.69 37.76 12.10
C PRO A 413 -11.32 36.36 12.12
N LEU A 414 -10.67 35.41 12.83
CA LEU A 414 -11.17 34.04 12.98
C LEU A 414 -12.28 33.96 14.01
N LYS A 415 -13.47 33.58 13.56
CA LYS A 415 -14.63 33.56 14.45
C LYS A 415 -14.98 32.18 15.02
N GLY A 416 -14.33 31.14 14.53
CA GLY A 416 -14.70 29.78 14.91
C GLY A 416 -13.79 28.74 14.34
N TYR A 417 -13.88 27.53 14.91
CA TYR A 417 -13.05 26.42 14.54
C TYR A 417 -13.91 25.13 14.62
N PHE A 418 -13.91 24.33 13.55
CA PHE A 418 -14.75 23.11 13.48
C PHE A 418 -13.86 21.88 13.28
N VAL A 419 -13.97 20.90 14.18
CA VAL A 419 -13.20 19.66 14.06
C VAL A 419 -13.86 18.73 13.03
N TRP A 420 -13.07 18.21 12.10
CA TRP A 420 -13.57 17.15 11.25
C TRP A 420 -13.02 15.84 11.82
N SER A 421 -13.85 14.90 12.28
CA SER A 421 -15.33 14.97 12.27
C SER A 421 -15.90 14.66 13.65
N LEU A 422 -17.18 14.96 13.89
CA LEU A 422 -17.80 14.38 15.09
C LEU A 422 -17.59 12.85 15.15
N LEU A 423 -17.91 12.16 14.03
CA LEU A 423 -17.97 10.69 13.99
C LEU A 423 -17.03 10.09 12.96
N ASP A 424 -16.49 8.91 13.24
CA ASP A 424 -15.91 8.12 12.13
C ASP A 424 -16.99 7.97 11.06
N ASN A 425 -16.60 7.96 9.78
CA ASN A 425 -17.63 7.89 8.75
C ASN A 425 -17.11 7.35 7.43
N PHE A 426 -17.94 7.43 6.40
CA PHE A 426 -17.61 6.99 5.04
C PHE A 426 -16.63 7.99 4.44
N GLU A 427 -15.37 7.60 4.36
CA GLU A 427 -14.35 8.54 3.92
C GLU A 427 -14.18 8.43 2.40
N TRP A 428 -15.29 8.69 1.68
CA TRP A 428 -15.28 8.79 0.20
C TRP A 428 -14.63 7.53 -0.44
N ALA A 429 -13.65 7.68 -1.33
CA ALA A 429 -13.07 6.50 -2.04
C ALA A 429 -12.20 5.56 -1.19
N GLU A 430 -11.91 5.99 0.06
CA GLU A 430 -11.28 5.15 1.07
C GLU A 430 -12.29 4.33 1.89
N GLY A 431 -13.58 4.64 1.75
CA GLY A 431 -14.58 3.90 2.49
C GLY A 431 -14.41 4.09 4.00
N TYR A 432 -14.79 3.05 4.74
CA TYR A 432 -14.79 3.07 6.19
C TYR A 432 -13.41 2.83 6.79
N SER A 433 -12.42 2.59 5.92
CA SER A 433 -11.06 2.29 6.37
C SER A 433 -10.37 3.50 7.05
N LYS A 434 -10.91 4.70 6.89
CA LYS A 434 -10.26 5.85 7.51
C LYS A 434 -11.15 6.54 8.52
N ARG A 435 -10.65 6.60 9.75
CA ARG A 435 -11.41 7.12 10.89
C ARG A 435 -10.92 8.53 11.31
N PHE A 436 -11.78 9.53 11.13
CA PHE A 436 -11.53 10.94 11.47
C PHE A 436 -12.33 11.44 12.70
N GLY A 437 -13.14 10.61 13.31
CA GLY A 437 -14.01 11.12 14.35
C GLY A 437 -13.27 11.41 15.65
N ILE A 438 -13.92 12.17 16.52
CA ILE A 438 -13.51 12.32 17.92
C ILE A 438 -14.46 11.40 18.72
N VAL A 439 -15.39 10.79 17.99
CA VAL A 439 -16.28 9.75 18.49
C VAL A 439 -16.11 8.53 17.56
N TYR A 440 -15.74 7.39 18.15
CA TYR A 440 -15.62 6.10 17.50
C TYR A 440 -16.99 5.48 17.17
N VAL A 441 -17.12 4.90 15.98
CA VAL A 441 -18.32 4.19 15.57
C VAL A 441 -17.91 2.74 15.28
N ASP A 442 -18.50 1.84 16.05
CA ASP A 442 -18.44 0.42 15.81
C ASP A 442 -19.54 0.10 14.78
N TYR A 443 -19.13 -0.16 13.54
CA TYR A 443 -20.11 -0.29 12.47
C TYR A 443 -20.94 -1.58 12.57
N SER A 444 -20.44 -2.58 13.31
CA SER A 444 -21.21 -3.82 13.52
C SER A 444 -22.41 -3.62 14.47
N THR A 445 -22.30 -2.68 15.41
CA THR A 445 -23.41 -2.37 16.34
C THR A 445 -23.94 -0.96 16.18
N GLN A 446 -23.17 -0.09 15.52
CA GLN A 446 -23.46 1.35 15.47
C GLN A 446 -23.24 2.05 16.81
N LYS A 447 -22.62 1.35 17.76
CA LYS A 447 -22.31 1.93 19.06
C LYS A 447 -21.32 3.07 18.86
N ARG A 448 -21.54 4.17 19.57
CA ARG A 448 -20.63 5.33 19.61
C ARG A 448 -19.79 5.29 20.90
N ILE A 449 -18.48 5.46 20.77
CA ILE A 449 -17.60 5.53 21.90
C ILE A 449 -16.81 6.81 21.80
N VAL A 450 -17.06 7.77 22.69
CA VAL A 450 -16.29 9.01 22.71
C VAL A 450 -14.81 8.70 22.92
N LYS A 451 -13.95 9.21 22.03
CA LYS A 451 -12.51 8.97 22.10
C LYS A 451 -11.86 9.98 23.05
N ASP A 452 -10.64 9.69 23.50
CA ASP A 452 -9.87 10.63 24.36
C ASP A 452 -9.82 12.04 23.78
N SER A 453 -9.64 12.12 22.45
CA SER A 453 -9.63 13.41 21.73
C SER A 453 -10.95 14.18 21.91
N GLY A 454 -12.08 13.48 21.85
CA GLY A 454 -13.38 14.13 22.12
C GLY A 454 -13.48 14.68 23.54
N TYR A 455 -13.00 13.90 24.52
CA TYR A 455 -13.04 14.37 25.89
C TYR A 455 -12.16 15.60 26.01
N TRP A 456 -10.97 15.52 25.41
CA TRP A 456 -9.99 16.61 25.38
C TRP A 456 -10.52 17.87 24.69
N TYR A 457 -11.18 17.70 23.54
CA TYR A 457 -11.76 18.86 22.82
C TYR A 457 -12.86 19.51 23.64
N SER A 458 -13.65 18.69 24.32
CA SER A 458 -14.73 19.19 25.19
C SER A 458 -14.22 20.15 26.27
N ASN A 459 -13.04 19.84 26.80
CA ASN A 459 -12.40 20.67 27.83
C ASN A 459 -11.90 21.98 27.24
N VAL A 460 -11.24 21.89 26.08
CA VAL A 460 -10.90 23.07 25.27
C VAL A 460 -12.14 23.98 25.08
N VAL A 461 -13.24 23.40 24.61
CA VAL A 461 -14.45 24.22 24.41
C VAL A 461 -14.87 24.93 25.69
N LYS A 462 -14.98 24.16 26.77
CA LYS A 462 -15.42 24.71 28.08
C LYS A 462 -14.55 25.83 28.60
N ASN A 463 -13.24 25.64 28.52
CA ASN A 463 -12.28 26.66 28.91
C ASN A 463 -12.12 27.78 27.88
N ASN A 464 -12.88 27.72 26.78
CA ASN A 464 -12.64 28.58 25.62
C ASN A 464 -11.17 28.65 25.19
N GLY A 465 -10.45 27.55 25.31
CA GLY A 465 -9.05 27.57 24.87
C GLY A 465 -8.15 26.50 25.46
N LEU A 466 -6.85 26.62 25.22
CA LEU A 466 -5.86 25.63 25.66
C LEU A 466 -5.20 26.04 26.99
N GLU A 467 -4.36 25.15 27.52
CA GLU A 467 -3.59 25.38 28.74
C GLU A 467 -2.55 24.28 28.89
N ASN B 24 0.01 7.31 -0.15
CA ASN B 24 -0.16 6.21 0.84
C ASN B 24 -0.23 4.79 0.22
N VAL B 25 -1.32 4.54 -0.50
CA VAL B 25 -1.53 3.27 -1.24
C VAL B 25 -0.38 3.01 -2.25
N LYS B 26 -0.05 1.73 -2.44
CA LYS B 26 1.02 1.32 -3.38
C LYS B 26 0.47 0.28 -4.36
N LYS B 27 0.11 0.72 -5.55
CA LYS B 27 -0.39 -0.21 -6.57
C LYS B 27 0.77 -0.65 -7.47
N PHE B 28 0.88 -1.95 -7.70
CA PHE B 28 1.92 -2.49 -8.57
C PHE B 28 1.43 -2.51 -10.01
N PRO B 29 2.35 -2.52 -10.99
CA PRO B 29 2.01 -2.58 -12.41
C PRO B 29 0.96 -3.61 -12.77
N GLU B 30 0.23 -3.35 -13.85
CA GLU B 30 -0.71 -4.31 -14.41
C GLU B 30 0.07 -5.57 -14.76
N GLY B 31 -0.45 -6.73 -14.39
CA GLY B 31 0.20 -8.00 -14.68
C GLY B 31 1.24 -8.49 -13.67
N PHE B 32 1.59 -7.66 -12.68
CA PHE B 32 2.52 -8.06 -11.62
C PHE B 32 2.11 -9.40 -11.02
N LEU B 33 3.09 -10.29 -10.85
CA LEU B 33 2.80 -11.65 -10.44
C LEU B 33 2.98 -11.86 -8.92
N TRP B 34 1.91 -12.32 -8.28
CA TRP B 34 1.92 -12.59 -6.84
C TRP B 34 1.92 -14.09 -6.63
N GLY B 35 2.86 -14.55 -5.81
CA GLY B 35 3.03 -15.99 -5.63
C GLY B 35 3.39 -16.43 -4.25
N VAL B 36 3.34 -17.75 -4.06
CA VAL B 36 3.92 -18.40 -2.89
C VAL B 36 4.96 -19.46 -3.35
N ALA B 37 5.96 -19.75 -2.50
CA ALA B 37 7.04 -20.70 -2.85
C ALA B 37 7.21 -21.87 -1.85
N THR B 38 7.43 -23.08 -2.38
CA THR B 38 7.85 -24.24 -1.57
C THR B 38 9.06 -24.98 -2.21
N ALA B 39 9.53 -26.02 -1.51
CA ALA B 39 10.56 -26.93 -2.06
C ALA B 39 10.17 -28.41 -1.85
N SER B 40 10.46 -29.25 -2.84
CA SER B 40 10.11 -30.67 -2.77
C SER B 40 10.43 -31.35 -1.44
N TYR B 41 11.72 -31.42 -1.08
CA TYR B 41 12.11 -32.14 0.15
C TYR B 41 11.53 -31.48 1.43
N GLN B 42 11.32 -30.17 1.42
CA GLN B 42 10.83 -29.47 2.64
C GLN B 42 9.35 -29.76 2.98
N ILE B 43 8.57 -30.14 1.98
CA ILE B 43 7.13 -30.31 2.17
C ILE B 43 6.56 -31.70 1.93
N GLU B 44 7.18 -32.49 1.03
CA GLU B 44 6.52 -33.66 0.43
C GLU B 44 6.41 -34.91 1.28
N GLY B 45 7.47 -35.25 2.01
CA GLY B 45 7.57 -36.55 2.66
C GLY B 45 7.54 -37.63 1.62
N SER B 46 7.41 -38.88 2.07
CA SER B 46 7.43 -40.03 1.15
C SER B 46 8.62 -39.99 0.17
N PRO B 47 9.82 -39.78 0.70
CA PRO B 47 11.01 -39.60 -0.17
C PRO B 47 11.24 -40.85 -1.04
N LEU B 48 10.89 -42.01 -0.51
CA LEU B 48 11.17 -43.28 -1.16
C LEU B 48 9.95 -43.97 -1.77
N ALA B 49 8.83 -43.26 -1.87
CA ALA B 49 7.62 -43.84 -2.45
C ALA B 49 7.73 -43.95 -3.95
N ASP B 50 7.02 -44.92 -4.51
CA ASP B 50 6.80 -45.03 -5.97
C ASP B 50 8.11 -45.04 -6.79
N GLY B 51 9.10 -45.74 -6.26
CA GLY B 51 10.33 -46.07 -6.97
C GLY B 51 11.39 -44.98 -6.98
N ALA B 52 11.17 -43.95 -6.16
CA ALA B 52 12.07 -42.80 -6.06
C ALA B 52 13.41 -43.21 -5.43
N GLY B 53 14.48 -42.59 -5.92
CA GLY B 53 15.80 -42.84 -5.38
C GLY B 53 15.98 -41.97 -4.16
N MET B 54 16.93 -42.35 -3.29
CA MET B 54 17.29 -41.50 -2.16
C MET B 54 17.95 -40.27 -2.71
N SER B 55 17.78 -39.16 -1.99
CA SER B 55 18.49 -37.90 -2.28
C SER B 55 19.53 -37.69 -1.18
N ILE B 56 20.43 -36.72 -1.37
CA ILE B 56 21.42 -36.39 -0.34
C ILE B 56 20.83 -35.83 0.95
N TRP B 57 19.60 -35.31 0.88
CA TRP B 57 18.97 -34.80 2.11
C TRP B 57 18.35 -35.93 2.95
N HIS B 58 17.94 -37.01 2.28
CA HIS B 58 17.52 -38.22 3.00
C HIS B 58 18.71 -38.77 3.82
N THR B 59 19.85 -38.96 3.18
CA THR B 59 20.98 -39.58 3.84
C THR B 59 21.58 -38.65 4.89
N PHE B 60 21.70 -37.39 4.54
CA PHE B 60 22.21 -36.37 5.45
C PHE B 60 21.35 -36.26 6.72
N SER B 61 20.04 -36.21 6.55
CA SER B 61 19.20 -35.99 7.73
C SER B 61 19.04 -37.30 8.51
N HIS B 62 19.25 -38.45 7.86
CA HIS B 62 19.25 -39.74 8.60
C HIS B 62 20.61 -40.06 9.21
N THR B 63 21.51 -39.07 9.16
CA THR B 63 22.79 -39.17 9.84
C THR B 63 22.67 -38.44 11.18
N PRO B 64 22.88 -39.13 12.29
CA PRO B 64 22.77 -38.50 13.61
C PRO B 64 23.67 -37.28 13.74
N GLY B 65 23.13 -36.21 14.33
CA GLY B 65 23.90 -35.02 14.59
C GLY B 65 23.85 -33.96 13.52
N ASN B 66 23.25 -34.25 12.37
CA ASN B 66 23.18 -33.27 11.28
C ASN B 66 22.02 -32.24 11.34
N VAL B 67 20.85 -32.69 11.83
CA VAL B 67 19.63 -31.86 11.87
C VAL B 67 19.07 -31.78 13.31
N LYS B 68 18.67 -30.58 13.74
CA LYS B 68 18.13 -30.37 15.09
C LYS B 68 17.04 -31.39 15.40
N ASN B 69 17.07 -31.93 16.62
CA ASN B 69 16.09 -32.92 17.11
C ASN B 69 16.07 -34.22 16.31
N GLY B 70 17.03 -34.40 15.40
CA GLY B 70 17.00 -35.53 14.48
C GLY B 70 15.80 -35.57 13.53
N ASP B 71 15.25 -34.41 13.15
CA ASP B 71 14.13 -34.39 12.18
C ASP B 71 14.65 -34.76 10.81
N THR B 72 13.73 -35.25 9.96
CA THR B 72 14.05 -35.62 8.59
C THR B 72 12.85 -35.20 7.79
N GLY B 73 12.90 -35.35 6.47
CA GLY B 73 11.75 -35.07 5.61
C GLY B 73 10.96 -36.30 5.22
N ASP B 74 11.00 -37.35 6.05
CA ASP B 74 10.30 -38.60 5.77
C ASP B 74 8.80 -38.37 5.58
N VAL B 75 8.26 -37.46 6.38
CA VAL B 75 6.83 -37.15 6.40
C VAL B 75 6.61 -35.68 6.02
N ALA B 76 7.29 -34.77 6.72
CA ALA B 76 7.18 -33.33 6.47
C ALA B 76 5.72 -32.87 6.57
N CYS B 77 5.18 -32.33 5.46
CA CYS B 77 3.80 -31.85 5.37
C CYS B 77 2.92 -32.85 4.63
N ASP B 78 3.48 -34.02 4.31
CA ASP B 78 2.73 -35.07 3.63
C ASP B 78 2.06 -34.49 2.38
N HIS B 79 2.73 -33.51 1.76
CA HIS B 79 2.26 -32.89 0.51
C HIS B 79 2.24 -33.89 -0.63
N TYR B 80 3.03 -34.97 -0.52
CA TYR B 80 2.94 -36.08 -1.48
C TYR B 80 1.53 -36.66 -1.52
N ASN B 81 0.85 -36.66 -0.37
CA ASN B 81 -0.53 -37.15 -0.33
C ASN B 81 -1.60 -36.05 -0.33
N ARG B 82 -1.28 -34.88 0.19
CA ARG B 82 -2.27 -33.82 0.42
C ARG B 82 -2.13 -32.62 -0.51
N TRP B 83 -1.51 -32.84 -1.67
CA TRP B 83 -1.20 -31.76 -2.60
C TRP B 83 -2.44 -30.95 -3.04
N LYS B 84 -3.54 -31.65 -3.31
CA LYS B 84 -4.79 -31.02 -3.80
C LYS B 84 -5.30 -29.95 -2.84
N GLU B 85 -5.45 -30.31 -1.57
CA GLU B 85 -5.83 -29.36 -0.52
C GLU B 85 -4.89 -28.16 -0.47
N ASP B 86 -3.58 -28.43 -0.53
CA ASP B 86 -2.57 -27.37 -0.49
C ASP B 86 -2.75 -26.36 -1.64
N ILE B 87 -3.04 -26.86 -2.84
CA ILE B 87 -3.32 -26.03 -4.02
C ILE B 87 -4.65 -25.29 -3.87
N GLU B 88 -5.63 -25.93 -3.24
CA GLU B 88 -6.93 -25.29 -2.97
C GLU B 88 -6.73 -24.10 -2.05
N ILE B 89 -5.84 -24.25 -1.06
CA ILE B 89 -5.49 -23.15 -0.16
C ILE B 89 -4.90 -21.98 -0.95
N ILE B 90 -4.12 -22.30 -1.99
CA ILE B 90 -3.63 -21.29 -2.96
C ILE B 90 -4.82 -20.68 -3.72
N GLU B 91 -5.73 -21.55 -4.18
CA GLU B 91 -6.94 -21.12 -4.88
C GLU B 91 -7.76 -20.15 -4.03
N LYS B 92 -8.12 -20.58 -2.83
CA LYS B 92 -8.94 -19.81 -1.90
C LYS B 92 -8.29 -18.47 -1.53
N LEU B 93 -6.97 -18.40 -1.64
CA LEU B 93 -6.26 -17.17 -1.30
C LEU B 93 -6.11 -16.23 -2.49
N GLY B 94 -6.43 -16.71 -3.69
CA GLY B 94 -6.36 -15.88 -4.89
C GLY B 94 -4.95 -15.66 -5.42
N VAL B 95 -3.96 -16.18 -4.67
CA VAL B 95 -2.54 -16.12 -5.05
C VAL B 95 -2.40 -16.58 -6.49
N LYS B 96 -1.71 -15.81 -7.31
CA LYS B 96 -1.72 -16.02 -8.75
C LYS B 96 -0.61 -16.93 -9.29
N ALA B 97 0.38 -17.22 -8.43
CA ALA B 97 1.59 -17.97 -8.86
C ALA B 97 2.07 -18.95 -7.80
N TYR B 98 2.60 -20.09 -8.24
CA TYR B 98 3.19 -21.08 -7.33
C TYR B 98 4.59 -21.49 -7.80
N ARG B 99 5.58 -21.18 -6.98
CA ARG B 99 6.93 -21.67 -7.20
C ARG B 99 7.12 -22.94 -6.40
N PHE B 100 7.35 -24.05 -7.11
CA PHE B 100 7.63 -25.33 -6.46
C PHE B 100 8.80 -26.04 -7.15
N SER B 101 9.45 -26.96 -6.45
CA SER B 101 10.57 -27.68 -7.07
C SER B 101 10.25 -29.13 -7.35
N ILE B 102 11.00 -29.71 -8.26
CA ILE B 102 10.90 -31.10 -8.57
C ILE B 102 12.07 -31.86 -7.92
N SER B 103 11.76 -33.03 -7.38
CA SER B 103 12.75 -33.96 -6.79
C SER B 103 13.44 -34.75 -7.90
N TRP B 104 14.67 -34.36 -8.22
CA TRP B 104 15.45 -35.07 -9.23
C TRP B 104 15.33 -36.60 -9.10
N PRO B 105 15.56 -37.19 -7.92
CA PRO B 105 15.51 -38.65 -7.75
C PRO B 105 14.11 -39.32 -7.74
N ARG B 106 13.04 -38.53 -7.67
CA ARG B 106 11.71 -39.02 -8.06
C ARG B 106 11.63 -39.25 -9.57
N ILE B 107 12.30 -38.40 -10.36
CA ILE B 107 12.24 -38.52 -11.81
C ILE B 107 13.27 -39.54 -12.33
N LEU B 108 14.51 -39.38 -11.88
CA LEU B 108 15.59 -40.27 -12.25
C LEU B 108 16.20 -40.82 -10.97
N PRO B 109 15.72 -41.99 -10.53
CA PRO B 109 16.10 -42.55 -9.24
C PRO B 109 17.60 -42.77 -9.14
N GLU B 110 18.25 -42.98 -10.29
CA GLU B 110 19.69 -43.21 -10.38
C GLU B 110 20.44 -41.96 -10.82
N GLY B 111 19.74 -40.83 -10.91
CA GLY B 111 20.35 -39.58 -11.37
C GLY B 111 20.39 -39.42 -12.88
N THR B 112 20.73 -40.48 -13.61
CA THR B 112 20.65 -40.48 -15.07
C THR B 112 20.01 -41.80 -15.48
N GLY B 113 19.67 -41.93 -16.75
CA GLY B 113 19.15 -43.20 -17.27
C GLY B 113 17.65 -43.34 -17.21
N ARG B 114 17.20 -44.35 -16.45
CA ARG B 114 15.76 -44.70 -16.32
C ARG B 114 14.90 -43.58 -15.76
N VAL B 115 13.80 -43.29 -16.46
CA VAL B 115 12.82 -42.32 -15.99
C VAL B 115 11.73 -43.04 -15.18
N ASN B 116 11.38 -42.48 -14.03
CA ASN B 116 10.36 -43.06 -13.20
C ASN B 116 9.03 -42.42 -13.60
N GLN B 117 8.19 -43.21 -14.26
CA GLN B 117 6.86 -42.78 -14.71
C GLN B 117 5.99 -42.26 -13.55
N LYS B 118 5.98 -42.98 -12.44
CA LYS B 118 5.22 -42.54 -11.27
C LYS B 118 5.69 -41.18 -10.81
N GLY B 119 6.99 -40.90 -10.99
CA GLY B 119 7.57 -39.61 -10.67
C GLY B 119 6.99 -38.52 -11.53
N LEU B 120 6.96 -38.78 -12.84
CA LEU B 120 6.31 -37.86 -13.78
C LEU B 120 4.83 -37.65 -13.42
N ASP B 121 4.13 -38.73 -13.09
CA ASP B 121 2.70 -38.65 -12.75
C ASP B 121 2.47 -37.67 -11.61
N PHE B 122 3.28 -37.73 -10.55
CA PHE B 122 3.04 -36.88 -9.38
C PHE B 122 3.07 -35.40 -9.74
N TYR B 123 4.03 -35.02 -10.59
CA TYR B 123 4.19 -33.61 -10.95
C TYR B 123 3.19 -33.13 -12.03
N ASN B 124 2.83 -34.00 -12.97
CA ASN B 124 1.78 -33.65 -13.97
C ASN B 124 0.39 -33.39 -13.35
N ARG B 125 -0.04 -34.22 -12.41
CA ARG B 125 -1.25 -33.91 -11.62
C ARG B 125 -1.16 -32.51 -11.01
N ILE B 126 -0.01 -32.20 -10.40
CA ILE B 126 0.19 -30.90 -9.77
C ILE B 126 0.12 -29.78 -10.80
N ILE B 127 0.76 -30.00 -11.95
CA ILE B 127 0.83 -29.01 -13.00
C ILE B 127 -0.58 -28.79 -13.59
N ASP B 128 -1.33 -29.87 -13.76
CA ASP B 128 -2.67 -29.76 -14.37
C ASP B 128 -3.69 -29.05 -13.46
N THR B 129 -3.75 -29.46 -12.19
CA THR B 129 -4.51 -28.75 -11.15
C THR B 129 -4.22 -27.25 -11.07
N LEU B 130 -2.93 -26.90 -11.13
CA LEU B 130 -2.50 -25.51 -11.06
C LEU B 130 -3.06 -24.69 -12.23
N LEU B 131 -3.00 -25.24 -13.43
CA LEU B 131 -3.47 -24.53 -14.63
C LEU B 131 -4.99 -24.31 -14.62
N GLU B 132 -5.72 -25.37 -14.31
CA GLU B 132 -7.18 -25.32 -14.32
C GLU B 132 -7.76 -24.45 -13.19
N LYS B 133 -7.01 -24.25 -12.12
CA LYS B 133 -7.39 -23.24 -11.15
C LYS B 133 -6.82 -21.88 -11.50
N GLY B 134 -6.26 -21.76 -12.71
CA GLY B 134 -5.63 -20.52 -13.17
C GLY B 134 -4.43 -20.00 -12.37
N ILE B 135 -3.64 -20.90 -11.77
CA ILE B 135 -2.44 -20.50 -11.02
C ILE B 135 -1.18 -20.82 -11.85
N THR B 136 -0.32 -19.81 -12.04
CA THR B 136 0.89 -19.95 -12.85
C THR B 136 2.02 -20.69 -12.11
N PRO B 137 2.50 -21.81 -12.68
CA PRO B 137 3.61 -22.58 -12.10
C PRO B 137 5.01 -22.00 -12.43
N PHE B 138 5.76 -21.69 -11.38
CA PHE B 138 7.22 -21.50 -11.47
C PHE B 138 7.95 -22.76 -10.95
N VAL B 139 8.64 -23.43 -11.85
CA VAL B 139 9.31 -24.69 -11.52
C VAL B 139 10.83 -24.52 -11.30
N THR B 140 11.24 -24.73 -10.05
CA THR B 140 12.64 -24.86 -9.69
C THR B 140 13.13 -26.29 -10.04
N ILE B 141 14.04 -26.38 -11.00
CA ILE B 141 14.59 -27.69 -11.41
C ILE B 141 15.37 -28.33 -10.23
N TYR B 142 16.24 -27.55 -9.62
CA TYR B 142 17.08 -28.07 -8.52
C TYR B 142 16.95 -27.23 -7.27
N HIS B 143 16.38 -27.82 -6.22
CA HIS B 143 16.29 -27.17 -4.90
C HIS B 143 16.90 -28.09 -3.81
N TRP B 144 18.08 -28.63 -4.13
CA TRP B 144 19.05 -29.15 -3.16
C TRP B 144 18.96 -30.64 -2.92
N ASP B 145 17.95 -31.29 -3.47
CA ASP B 145 17.78 -32.74 -3.27
C ASP B 145 18.41 -33.58 -4.38
N LEU B 146 19.74 -33.53 -4.45
CA LEU B 146 20.50 -34.25 -5.47
C LEU B 146 20.26 -35.71 -5.26
N PRO B 147 20.14 -36.53 -6.31
CA PRO B 147 20.09 -37.99 -6.16
C PRO B 147 21.36 -38.47 -5.46
N PHE B 148 21.19 -39.31 -4.44
CA PHE B 148 22.33 -39.94 -3.73
C PHE B 148 23.30 -40.68 -4.70
N ALA B 149 22.75 -41.37 -5.69
CA ALA B 149 23.55 -42.04 -6.73
C ALA B 149 24.60 -41.15 -7.40
N LEU B 150 24.27 -39.88 -7.61
CA LEU B 150 25.21 -38.93 -8.19
C LEU B 150 26.24 -38.41 -7.18
N GLN B 151 25.84 -38.28 -5.92
CA GLN B 151 26.79 -37.88 -4.87
C GLN B 151 27.88 -38.96 -4.71
N LEU B 152 27.52 -40.23 -4.94
CA LEU B 152 28.49 -41.32 -4.86
C LEU B 152 29.53 -41.14 -5.96
N LYS B 153 29.19 -40.40 -7.01
CA LYS B 153 30.12 -40.03 -8.10
C LYS B 153 30.70 -38.63 -7.97
N GLY B 154 30.58 -38.05 -6.78
CA GLY B 154 31.17 -36.74 -6.52
C GLY B 154 30.18 -35.59 -6.55
N GLY B 155 28.94 -35.81 -7.02
CA GLY B 155 27.90 -34.76 -6.99
C GLY B 155 28.40 -33.49 -7.65
N TRP B 156 28.21 -32.33 -7.01
CA TRP B 156 28.62 -31.03 -7.61
C TRP B 156 30.12 -30.85 -7.81
N ALA B 157 30.92 -31.72 -7.21
CA ALA B 157 32.36 -31.66 -7.39
C ALA B 157 32.81 -32.26 -8.72
N ASN B 158 31.96 -33.05 -9.38
CA ASN B 158 32.37 -33.79 -10.61
C ASN B 158 31.98 -32.99 -11.84
N ARG B 159 32.93 -32.67 -12.74
CA ARG B 159 32.58 -31.84 -13.90
C ARG B 159 31.47 -32.47 -14.73
N GLU B 160 31.36 -33.78 -14.65
CA GLU B 160 30.35 -34.53 -15.38
C GLU B 160 28.92 -34.15 -14.99
N ILE B 161 28.74 -33.48 -13.87
CA ILE B 161 27.39 -33.10 -13.45
C ILE B 161 26.76 -32.14 -14.45
N ALA B 162 27.55 -31.45 -15.26
CA ALA B 162 26.96 -30.53 -16.24
C ALA B 162 26.18 -31.37 -17.25
N ASP B 163 26.69 -32.57 -17.52
CA ASP B 163 26.04 -33.57 -18.35
C ASP B 163 24.76 -34.12 -17.71
N TRP B 164 24.91 -34.61 -16.48
CA TRP B 164 23.81 -35.20 -15.73
C TRP B 164 22.65 -34.20 -15.60
N PHE B 165 22.99 -32.94 -15.35
CA PHE B 165 22.01 -31.91 -15.11
C PHE B 165 21.25 -31.51 -16.38
N ALA B 166 21.93 -31.52 -17.52
CA ALA B 166 21.33 -31.28 -18.84
C ALA B 166 20.37 -32.42 -19.24
N GLU B 167 20.80 -33.68 -19.04
CA GLU B 167 19.94 -34.84 -19.24
C GLU B 167 18.69 -34.80 -18.35
N TYR B 168 18.85 -34.43 -17.09
CA TYR B 168 17.72 -34.30 -16.21
C TYR B 168 16.79 -33.17 -16.65
N SER B 169 17.37 -32.01 -16.93
CA SER B 169 16.63 -30.83 -17.35
C SER B 169 15.80 -31.09 -18.60
N ARG B 170 16.42 -31.69 -19.60
CA ARG B 170 15.76 -32.15 -20.83
C ARG B 170 14.56 -33.10 -20.57
N VAL B 171 14.61 -33.92 -19.52
CA VAL B 171 13.50 -34.80 -19.20
C VAL B 171 12.31 -33.95 -18.74
N LEU B 172 12.57 -32.99 -17.84
CA LEU B 172 11.55 -32.04 -17.34
C LEU B 172 10.94 -31.18 -18.46
N PHE B 173 11.80 -30.69 -19.36
CA PHE B 173 11.37 -29.87 -20.49
C PHE B 173 10.51 -30.66 -21.46
N GLU B 174 10.98 -31.84 -21.85
CA GLU B 174 10.22 -32.67 -22.79
C GLU B 174 8.86 -33.11 -22.20
N ASN B 175 8.85 -33.48 -20.93
CA ASN B 175 7.60 -33.90 -20.26
C ASN B 175 6.69 -32.79 -19.75
N PHE B 176 7.24 -31.66 -19.33
CA PHE B 176 6.41 -30.63 -18.68
C PHE B 176 6.40 -29.27 -19.38
N GLY B 177 7.22 -29.13 -20.43
CA GLY B 177 7.46 -27.83 -21.05
C GLY B 177 6.30 -27.24 -21.85
N ASP B 178 5.33 -28.09 -22.16
CA ASP B 178 4.13 -27.68 -22.89
C ASP B 178 3.19 -26.83 -22.02
N ARG B 179 3.22 -27.03 -20.69
CA ARG B 179 2.35 -26.33 -19.75
C ARG B 179 3.11 -25.40 -18.83
N VAL B 180 4.35 -25.79 -18.50
CA VAL B 180 5.20 -24.94 -17.70
C VAL B 180 6.07 -24.13 -18.65
N LYS B 181 6.03 -22.82 -18.48
CA LYS B 181 6.72 -21.88 -19.35
C LYS B 181 7.68 -20.99 -18.57
N ASN B 182 7.66 -21.09 -17.24
CA ASN B 182 8.57 -20.33 -16.37
C ASN B 182 9.43 -21.27 -15.52
N TRP B 183 10.74 -21.26 -15.76
CA TRP B 183 11.68 -22.24 -15.20
C TRP B 183 12.86 -21.58 -14.49
N ILE B 184 13.37 -22.26 -13.45
CA ILE B 184 14.52 -21.78 -12.68
C ILE B 184 15.49 -22.96 -12.65
N THR B 185 16.73 -22.76 -13.10
CA THR B 185 17.69 -23.89 -13.08
C THR B 185 18.02 -24.26 -11.64
N LEU B 186 18.59 -23.31 -10.90
CA LEU B 186 19.15 -23.60 -9.58
C LEU B 186 18.61 -22.63 -8.54
N ASN B 187 18.28 -23.15 -7.35
CA ASN B 187 18.00 -22.31 -6.18
C ASN B 187 19.25 -22.13 -5.33
N GLU B 188 19.68 -20.87 -5.19
CA GLU B 188 20.76 -20.48 -4.26
C GLU B 188 22.03 -21.32 -4.39
N PRO B 189 22.66 -21.30 -5.57
CA PRO B 189 23.89 -22.06 -5.77
C PRO B 189 24.99 -21.71 -4.72
N TRP B 190 24.97 -20.49 -4.18
CA TRP B 190 25.98 -20.15 -3.17
C TRP B 190 25.85 -21.09 -1.96
N VAL B 191 24.60 -21.31 -1.53
CA VAL B 191 24.32 -22.15 -0.38
C VAL B 191 24.69 -23.61 -0.71
N VAL B 192 24.27 -24.10 -1.87
CA VAL B 192 24.60 -25.43 -2.34
C VAL B 192 26.12 -25.70 -2.25
N ALA B 193 26.91 -24.78 -2.79
CA ALA B 193 28.35 -24.91 -2.84
C ALA B 193 28.95 -24.71 -1.47
N ILE B 194 28.73 -23.55 -0.88
CA ILE B 194 29.46 -23.18 0.33
C ILE B 194 28.94 -23.80 1.61
N VAL B 195 27.63 -23.75 1.80
CA VAL B 195 27.07 -24.37 3.00
C VAL B 195 27.10 -25.91 2.93
N GLY B 196 26.93 -26.47 1.73
CA GLY B 196 26.97 -27.95 1.59
C GLY B 196 28.39 -28.54 1.58
N HIS B 197 29.35 -27.76 1.07
CA HIS B 197 30.71 -28.28 0.81
C HIS B 197 31.86 -27.58 1.51
N LEU B 198 31.64 -26.40 2.11
CA LEU B 198 32.66 -25.73 2.94
C LEU B 198 32.32 -25.69 4.44
N TYR B 199 31.10 -25.29 4.80
CA TYR B 199 30.66 -25.28 6.21
C TYR B 199 30.28 -26.65 6.69
N GLY B 200 29.84 -27.49 5.76
CA GLY B 200 29.36 -28.83 6.06
C GLY B 200 28.00 -28.89 6.77
N VAL B 201 27.20 -27.82 6.63
CA VAL B 201 25.97 -27.65 7.45
C VAL B 201 24.78 -28.19 6.71
N HIS B 202 24.91 -28.25 5.38
CA HIS B 202 23.90 -28.85 4.54
C HIS B 202 24.49 -30.04 3.81
N ALA B 203 23.61 -30.90 3.28
CA ALA B 203 24.05 -32.01 2.43
C ALA B 203 24.86 -31.46 1.23
N PRO B 204 25.96 -32.14 0.86
CA PRO B 204 26.42 -33.42 1.46
C PRO B 204 27.29 -33.41 2.73
N GLY B 205 27.42 -32.27 3.40
CA GLY B 205 28.07 -32.21 4.69
C GLY B 205 29.57 -32.26 4.70
N MET B 206 30.19 -31.62 3.69
CA MET B 206 31.65 -31.59 3.51
C MET B 206 32.23 -30.23 3.94
N ARG B 207 33.51 -30.24 4.32
CA ARG B 207 34.28 -29.01 4.60
C ARG B 207 35.59 -29.05 3.86
N ASP B 208 35.58 -28.63 2.60
CA ASP B 208 36.78 -28.60 1.78
C ASP B 208 36.62 -27.43 0.82
N ILE B 209 37.50 -26.43 0.95
CA ILE B 209 37.35 -25.19 0.17
C ILE B 209 37.65 -25.38 -1.31
N TYR B 210 38.49 -26.36 -1.63
CA TYR B 210 38.76 -26.64 -3.03
C TYR B 210 37.54 -27.28 -3.68
N VAL B 211 36.94 -28.25 -2.99
CA VAL B 211 35.73 -28.86 -3.47
C VAL B 211 34.63 -27.80 -3.64
N ALA B 212 34.45 -26.96 -2.61
CA ALA B 212 33.39 -25.95 -2.60
C ALA B 212 33.49 -25.01 -3.80
N PHE B 213 34.69 -24.53 -4.11
CA PHE B 213 34.82 -23.66 -5.33
C PHE B 213 34.66 -24.40 -6.65
N ARG B 214 34.97 -25.69 -6.69
CA ARG B 214 34.69 -26.48 -7.89
C ARG B 214 33.19 -26.69 -8.05
N ALA B 215 32.49 -26.90 -6.93
CA ALA B 215 31.03 -26.94 -6.93
C ALA B 215 30.44 -25.61 -7.45
N VAL B 216 30.99 -24.47 -7.00
CA VAL B 216 30.57 -23.14 -7.54
C VAL B 216 30.65 -23.16 -9.08
N HIS B 217 31.80 -23.56 -9.61
CA HIS B 217 32.06 -23.58 -11.05
C HIS B 217 31.17 -24.55 -11.84
N ASN B 218 30.98 -25.75 -11.31
CA ASN B 218 30.16 -26.77 -11.96
C ASN B 218 28.66 -26.44 -11.89
N LEU B 219 28.25 -25.73 -10.85
CA LEU B 219 26.87 -25.19 -10.79
C LEU B 219 26.60 -24.29 -11.98
N LEU B 220 27.53 -23.39 -12.28
CA LEU B 220 27.41 -22.46 -13.39
C LEU B 220 27.45 -23.20 -14.74
N ARG B 221 28.37 -24.15 -14.88
CA ARG B 221 28.41 -24.97 -16.09
C ARG B 221 27.13 -25.76 -16.29
N ALA B 222 26.60 -26.34 -15.20
CA ALA B 222 25.36 -27.11 -15.25
C ALA B 222 24.15 -26.21 -15.59
N HIS B 223 23.98 -25.10 -14.87
CA HIS B 223 22.99 -24.08 -15.26
C HIS B 223 22.96 -23.77 -16.76
N ALA B 224 24.13 -23.44 -17.30
CA ALA B 224 24.27 -23.00 -18.68
C ALA B 224 23.90 -24.09 -19.67
N ARG B 225 24.31 -25.34 -19.38
CA ARG B 225 23.91 -26.48 -20.21
C ARG B 225 22.40 -26.66 -20.19
N ALA B 226 21.78 -26.45 -19.04
CA ALA B 226 20.32 -26.56 -18.92
C ALA B 226 19.59 -25.52 -19.75
N VAL B 227 20.09 -24.28 -19.72
CA VAL B 227 19.51 -23.18 -20.49
C VAL B 227 19.64 -23.46 -21.98
N LYS B 228 20.83 -23.90 -22.40
CA LYS B 228 21.10 -24.31 -23.78
C LYS B 228 20.13 -25.38 -24.28
N VAL B 229 19.76 -26.30 -23.38
CA VAL B 229 18.84 -27.38 -23.73
C VAL B 229 17.42 -26.82 -23.79
N PHE B 230 17.17 -25.83 -22.94
CA PHE B 230 15.86 -25.24 -22.80
C PHE B 230 15.47 -24.56 -24.11
N ARG B 231 16.44 -23.94 -24.76
CA ARG B 231 16.22 -23.21 -26.00
C ARG B 231 15.79 -24.14 -27.11
N GLU B 232 16.22 -25.40 -27.04
CA GLU B 232 15.94 -26.36 -28.09
C GLU B 232 14.72 -27.26 -27.80
N THR B 233 14.14 -27.14 -26.62
CA THR B 233 13.03 -28.00 -26.21
C THR B 233 11.78 -27.22 -25.83
N VAL B 234 11.92 -25.96 -25.41
CA VAL B 234 10.75 -25.17 -25.08
C VAL B 234 10.71 -23.85 -25.87
N ASP B 236 8.78 -20.97 -26.56
CA ASP B 236 8.04 -19.87 -25.95
C ASP B 236 8.07 -19.87 -24.41
N GLY B 237 9.20 -20.23 -23.81
CA GLY B 237 9.32 -20.25 -22.35
C GLY B 237 10.34 -19.25 -21.83
N LYS B 238 10.24 -18.93 -20.54
CA LYS B 238 11.26 -18.14 -19.80
C LYS B 238 12.09 -19.05 -18.86
N ILE B 239 13.41 -18.84 -18.84
CA ILE B 239 14.30 -19.53 -17.88
C ILE B 239 15.26 -18.58 -17.16
N GLY B 240 15.49 -18.84 -15.87
CA GLY B 240 16.31 -17.99 -15.01
C GLY B 240 17.01 -18.76 -13.89
N ILE B 241 17.49 -18.04 -12.88
CA ILE B 241 18.29 -18.62 -11.83
C ILE B 241 18.10 -17.78 -10.57
N VAL B 242 18.21 -18.41 -9.39
CA VAL B 242 17.86 -17.76 -8.13
C VAL B 242 19.04 -17.68 -7.19
N PHE B 243 19.32 -16.49 -6.69
CA PHE B 243 20.41 -16.27 -5.76
C PHE B 243 19.89 -15.81 -4.42
N ASN B 244 20.57 -16.23 -3.35
CA ASN B 244 20.31 -15.72 -2.03
C ASN B 244 21.08 -14.42 -1.94
N ASN B 245 20.59 -13.52 -1.11
CA ASN B 245 21.24 -12.21 -0.96
C ASN B 245 21.06 -11.66 0.42
N GLY B 246 22.07 -10.98 0.93
CA GLY B 246 21.98 -10.25 2.18
C GLY B 246 22.38 -8.79 1.97
N TYR B 247 21.75 -7.89 2.73
CA TYR B 247 22.16 -6.49 2.71
C TYR B 247 23.26 -6.28 3.73
N PHE B 248 24.47 -6.08 3.22
CA PHE B 248 25.66 -5.86 4.05
C PHE B 248 25.92 -4.36 4.24
N GLU B 249 26.15 -3.96 5.49
CA GLU B 249 26.53 -2.59 5.83
C GLU B 249 27.80 -2.62 6.68
N PRO B 250 28.66 -1.59 6.56
CA PRO B 250 29.91 -1.54 7.33
C PRO B 250 29.72 -1.12 8.79
N ALA B 251 30.58 -1.65 9.66
CA ALA B 251 30.51 -1.40 11.11
C ALA B 251 31.16 -0.07 11.53
N SER B 252 31.68 0.65 10.56
CA SER B 252 32.26 1.96 10.78
C SER B 252 32.53 2.52 9.40
N GLU B 253 32.92 3.78 9.36
CA GLU B 253 33.33 4.42 8.11
C GLU B 253 34.76 4.04 7.76
N LYS B 254 35.39 3.21 8.59
CA LYS B 254 36.76 2.78 8.32
C LYS B 254 36.85 2.13 6.94
N GLU B 255 37.90 2.51 6.20
CA GLU B 255 38.15 2.05 4.85
C GLU B 255 37.90 0.54 4.70
N GLU B 256 38.58 -0.24 5.55
CA GLU B 256 38.62 -1.68 5.42
C GLU B 256 37.29 -2.35 5.77
N ASP B 257 36.40 -1.62 6.45
CA ASP B 257 35.07 -2.14 6.74
C ASP B 257 34.18 -2.04 5.51
N ILE B 258 34.39 -0.97 4.74
CA ILE B 258 33.59 -0.68 3.55
C ILE B 258 33.96 -1.67 2.43
N ARG B 259 35.25 -1.97 2.34
CA ARG B 259 35.74 -3.02 1.47
C ARG B 259 35.28 -4.41 1.89
N ALA B 260 35.32 -4.71 3.19
CA ALA B 260 34.74 -5.94 3.72
C ALA B 260 33.31 -6.17 3.19
N VAL B 261 32.48 -5.12 3.24
CA VAL B 261 31.14 -5.12 2.65
C VAL B 261 31.18 -5.46 1.15
N ARG B 262 32.13 -4.87 0.43
CA ARG B 262 32.20 -5.08 -1.00
C ARG B 262 32.52 -6.56 -1.27
N PHE B 263 33.51 -7.12 -0.55
CA PHE B 263 33.81 -8.54 -0.64
C PHE B 263 32.60 -9.41 -0.35
N MET B 264 31.84 -9.09 0.69
CA MET B 264 30.67 -9.91 1.05
C MET B 264 29.60 -9.88 -0.01
N HIS B 265 29.41 -8.70 -0.61
CA HIS B 265 28.41 -8.57 -1.66
C HIS B 265 28.87 -9.42 -2.85
N GLN B 266 30.13 -9.29 -3.21
CA GLN B 266 30.65 -10.01 -4.39
C GLN B 266 30.64 -11.56 -4.19
N PHE B 267 30.84 -12.01 -2.95
CA PHE B 267 30.94 -13.45 -2.65
C PHE B 267 29.58 -14.08 -2.30
N ASN B 268 28.85 -13.46 -1.37
CA ASN B 268 27.62 -14.00 -0.82
C ASN B 268 26.41 -13.72 -1.71
N ASN B 269 26.50 -12.67 -2.53
CA ASN B 269 25.32 -12.22 -3.30
C ASN B 269 25.45 -12.59 -4.80
N TYR B 270 24.44 -12.22 -5.61
CA TYR B 270 24.37 -12.54 -7.06
C TYR B 270 25.65 -12.31 -7.92
N PRO B 271 26.54 -11.34 -7.61
CA PRO B 271 27.70 -11.15 -8.46
C PRO B 271 28.54 -12.41 -8.64
N LEU B 272 28.65 -13.25 -7.61
CA LEU B 272 29.51 -14.45 -7.72
C LEU B 272 29.16 -15.26 -8.97
N PHE B 273 27.87 -15.25 -9.32
CA PHE B 273 27.31 -16.03 -10.44
C PHE B 273 26.97 -15.17 -11.65
N LEU B 274 26.56 -13.92 -11.39
CA LEU B 274 26.21 -13.01 -12.49
C LEU B 274 27.40 -12.36 -13.14
N ASN B 275 28.50 -12.16 -12.43
CA ASN B 275 29.70 -11.69 -13.12
C ASN B 275 30.11 -12.74 -14.20
N PRO B 276 30.25 -14.03 -13.83
CA PRO B 276 30.44 -15.07 -14.85
C PRO B 276 29.38 -15.02 -15.98
N ILE B 277 28.10 -15.08 -15.64
CA ILE B 277 27.05 -15.11 -16.68
C ILE B 277 27.02 -13.85 -17.61
N TYR B 278 27.12 -12.65 -17.04
CA TYR B 278 27.12 -11.41 -17.87
C TYR B 278 28.48 -10.87 -18.34
N ARG B 279 29.58 -11.23 -17.68
CA ARG B 279 30.88 -10.63 -17.94
C ARG B 279 31.99 -11.63 -18.26
N GLY B 280 31.76 -12.90 -17.96
CA GLY B 280 32.70 -13.96 -18.32
C GLY B 280 33.90 -14.09 -17.42
N ASP B 281 33.76 -13.69 -16.15
CA ASP B 281 34.75 -14.01 -15.12
C ASP B 281 34.13 -13.82 -13.73
N TYR B 282 34.76 -14.37 -12.70
CA TYR B 282 34.30 -14.18 -11.33
C TYR B 282 34.61 -12.72 -10.91
N PRO B 283 33.89 -12.19 -9.91
CA PRO B 283 34.23 -10.84 -9.42
C PRO B 283 35.67 -10.73 -8.89
N GLU B 284 36.29 -9.56 -9.01
CA GLU B 284 37.71 -9.42 -8.72
C GLU B 284 38.08 -9.76 -7.28
N LEU B 285 37.24 -9.42 -6.31
CA LEU B 285 37.57 -9.69 -4.91
C LEU B 285 37.37 -11.17 -4.59
N VAL B 286 36.46 -11.82 -5.31
CA VAL B 286 36.30 -13.28 -5.21
C VAL B 286 37.57 -13.97 -5.71
N LEU B 287 38.09 -13.50 -6.84
CA LEU B 287 39.33 -14.01 -7.40
C LEU B 287 40.57 -13.76 -6.51
N GLU B 288 40.63 -12.60 -5.86
CA GLU B 288 41.75 -12.32 -4.96
C GLU B 288 41.73 -13.32 -3.79
N PHE B 289 40.53 -13.62 -3.29
CA PHE B 289 40.34 -14.62 -2.20
C PHE B 289 40.54 -16.07 -2.65
N ALA B 290 39.95 -16.43 -3.79
CA ALA B 290 39.70 -17.84 -4.11
C ALA B 290 40.28 -18.38 -5.41
N ARG B 291 41.14 -17.61 -6.09
CA ARG B 291 41.69 -18.10 -7.36
C ARG B 291 42.39 -19.45 -7.18
N GLU B 292 43.13 -19.62 -6.09
CA GLU B 292 43.86 -20.88 -5.82
C GLU B 292 42.95 -22.11 -5.63
N TYR B 293 41.66 -21.88 -5.35
CA TYR B 293 40.68 -22.96 -5.08
C TYR B 293 39.85 -23.34 -6.30
N LEU B 294 39.85 -22.46 -7.31
CA LEU B 294 39.09 -22.69 -8.52
C LEU B 294 39.89 -23.59 -9.45
N PRO B 295 39.22 -24.34 -10.32
CA PRO B 295 39.97 -25.19 -11.25
C PRO B 295 40.98 -24.40 -12.09
N GLU B 296 42.08 -25.09 -12.36
N GLU B 296 42.18 -24.94 -12.30
CA GLU B 296 42.97 -24.80 -13.48
CA GLU B 296 43.33 -24.17 -12.87
C GLU B 296 42.16 -24.60 -14.75
C GLU B 296 43.08 -23.45 -14.22
N ASN B 297 42.44 -23.50 -15.45
N ASN B 297 42.20 -24.01 -15.04
CA ASN B 297 41.76 -23.23 -16.70
CA ASN B 297 41.85 -23.45 -16.34
C ASN B 297 40.25 -23.05 -16.52
C ASN B 297 40.35 -23.18 -16.42
N TYR B 298 39.78 -22.70 -15.32
CA TYR B 298 38.34 -22.45 -15.15
C TYR B 298 37.82 -21.46 -16.23
N LYS B 299 38.67 -20.55 -16.68
CA LYS B 299 38.18 -19.49 -17.56
C LYS B 299 37.84 -19.99 -18.96
N ASP B 300 38.33 -21.19 -19.31
CA ASP B 300 37.94 -21.87 -20.56
C ASP B 300 36.46 -22.14 -20.63
N ASP B 301 35.80 -22.30 -19.47
CA ASP B 301 34.37 -22.61 -19.46
C ASP B 301 33.52 -21.36 -19.48
N MET B 302 34.14 -20.19 -19.38
CA MET B 302 33.35 -18.95 -19.21
C MET B 302 32.56 -18.52 -20.44
N SER B 303 33.01 -18.89 -21.64
CA SER B 303 32.24 -18.55 -22.86
C SER B 303 30.93 -19.35 -22.93
N GLU B 304 30.95 -20.60 -22.47
CA GLU B 304 29.73 -21.39 -22.38
C GLU B 304 28.84 -20.91 -21.24
N ILE B 305 29.46 -20.48 -20.15
CA ILE B 305 28.68 -20.01 -18.99
C ILE B 305 27.80 -18.77 -19.29
N GLN B 306 28.22 -17.95 -20.26
CA GLN B 306 27.49 -16.74 -20.69
C GLN B 306 26.23 -16.93 -21.53
N GLU B 307 25.74 -18.17 -21.61
CA GLU B 307 24.47 -18.47 -22.23
C GLU B 307 23.40 -17.49 -21.74
N LYS B 308 22.70 -16.83 -22.66
CA LYS B 308 21.71 -15.79 -22.33
C LYS B 308 20.58 -16.30 -21.45
N ILE B 309 20.30 -15.60 -20.34
CA ILE B 309 19.14 -15.91 -19.47
C ILE B 309 17.98 -14.88 -19.62
N ASP B 310 16.79 -15.22 -19.08
CA ASP B 310 15.60 -14.41 -19.31
C ASP B 310 15.31 -13.53 -18.08
N PHE B 311 15.65 -14.02 -16.90
CA PHE B 311 15.39 -13.29 -15.67
C PHE B 311 16.33 -13.70 -14.56
N VAL B 312 16.52 -12.80 -13.61
CA VAL B 312 17.24 -13.09 -12.37
C VAL B 312 16.20 -13.17 -11.27
N GLY B 313 16.22 -14.28 -10.53
CA GLY B 313 15.43 -14.38 -9.29
C GLY B 313 16.29 -14.01 -8.10
N LEU B 314 15.79 -13.10 -7.25
CA LEU B 314 16.47 -12.76 -6.02
C LEU B 314 15.64 -13.22 -4.83
N ASN B 315 16.30 -13.88 -3.90
CA ASN B 315 15.71 -14.19 -2.61
C ASN B 315 16.28 -13.18 -1.65
N TYR B 316 15.52 -12.81 -0.64
CA TYR B 316 16.02 -11.85 0.35
C TYR B 316 15.33 -12.02 1.69
N TYR B 317 16.14 -11.99 2.75
CA TYR B 317 15.61 -12.20 4.08
C TYR B 317 16.09 -11.18 5.07
N SER B 318 17.38 -10.88 5.02
CA SER B 318 17.98 -10.25 6.18
C SER B 318 19.13 -9.33 5.85
N GLY B 319 19.52 -8.54 6.85
CA GLY B 319 20.64 -7.63 6.73
C GLY B 319 21.65 -7.97 7.77
N HIS B 320 22.90 -7.61 7.52
CA HIS B 320 24.04 -7.94 8.36
C HIS B 320 25.01 -6.77 8.40
N LEU B 321 25.44 -6.41 9.61
CA LEU B 321 26.53 -5.47 9.83
C LEU B 321 27.84 -6.23 9.80
N VAL B 322 28.85 -5.74 9.05
CA VAL B 322 30.14 -6.44 8.93
C VAL B 322 31.36 -5.54 9.10
N LYS B 323 32.49 -6.17 9.37
CA LYS B 323 33.76 -5.46 9.58
C LYS B 323 34.96 -6.32 9.15
N PHE B 324 36.05 -5.64 8.80
CA PHE B 324 37.34 -6.28 8.56
C PHE B 324 37.84 -6.89 9.87
N ASP B 325 38.76 -7.86 9.77
CA ASP B 325 39.15 -8.74 10.89
C ASP B 325 40.07 -9.84 10.36
N PRO B 326 41.37 -9.77 10.66
CA PRO B 326 42.26 -10.91 10.40
C PRO B 326 41.79 -12.17 11.16
N ASP B 327 41.46 -13.21 10.40
CA ASP B 327 40.75 -14.37 10.93
C ASP B 327 39.31 -14.40 10.42
N ALA B 330 37.23 -15.24 6.19
CA ALA B 330 37.71 -14.64 4.94
C ALA B 330 38.13 -13.18 5.17
N LYS B 331 38.69 -12.91 6.35
CA LYS B 331 39.04 -11.54 6.78
C LYS B 331 37.84 -10.62 7.02
N VAL B 332 36.68 -11.22 7.34
CA VAL B 332 35.43 -10.51 7.56
C VAL B 332 34.64 -11.16 8.69
N SER B 333 34.24 -10.38 9.70
CA SER B 333 33.32 -10.91 10.69
C SER B 333 32.06 -10.07 10.82
N PHE B 334 30.95 -10.76 11.12
CA PHE B 334 29.67 -10.13 11.37
C PHE B 334 29.67 -9.53 12.77
N VAL B 335 28.89 -8.47 12.98
CA VAL B 335 28.69 -7.97 14.34
C VAL B 335 27.20 -7.79 14.56
N GLU B 336 26.70 -8.39 15.65
CA GLU B 336 25.29 -8.31 15.95
C GLU B 336 25.00 -6.88 16.35
N ARG B 337 23.80 -6.43 16.03
CA ARG B 337 23.35 -5.13 16.45
C ARG B 337 21.90 -5.24 16.93
N ASP B 338 21.47 -4.28 17.75
CA ASP B 338 20.08 -4.22 18.15
C ASP B 338 19.30 -4.06 16.85
N LEU B 339 18.26 -4.86 16.68
CA LEU B 339 17.23 -4.64 15.66
C LEU B 339 16.20 -5.73 15.88
N PRO B 340 14.97 -5.54 15.41
CA PRO B 340 14.00 -6.64 15.38
C PRO B 340 14.66 -7.89 14.75
N LYS B 341 14.25 -9.08 15.17
CA LYS B 341 14.81 -10.33 14.65
C LYS B 341 13.71 -11.35 14.48
N THR B 342 13.95 -12.34 13.64
CA THR B 342 12.97 -13.40 13.47
C THR B 342 13.34 -14.54 14.40
N ALA B 343 12.55 -15.60 14.33
CA ALA B 343 12.81 -16.84 15.08
C ALA B 343 14.14 -17.47 14.71
N MET B 344 14.74 -17.04 13.59
CA MET B 344 16.06 -17.52 13.13
C MET B 344 17.21 -16.69 13.69
N GLY B 345 16.87 -15.55 14.31
CA GLY B 345 17.90 -14.61 14.78
C GLY B 345 18.32 -13.60 13.71
N TRP B 346 17.63 -13.64 12.57
CA TRP B 346 17.97 -12.78 11.45
C TRP B 346 17.36 -11.40 11.65
N GLU B 347 18.16 -10.37 11.41
CA GLU B 347 17.73 -8.98 11.54
C GLU B 347 16.84 -8.54 10.40
N ILE B 348 15.75 -7.86 10.79
CA ILE B 348 14.77 -7.32 9.87
C ILE B 348 15.21 -5.94 9.40
N VAL B 349 15.62 -5.87 8.14
CA VAL B 349 16.08 -4.64 7.48
C VAL B 349 15.38 -4.56 6.13
N PRO B 350 14.11 -4.13 6.11
CA PRO B 350 13.31 -4.12 4.88
C PRO B 350 13.95 -3.36 3.73
N GLU B 351 14.70 -2.30 4.03
CA GLU B 351 15.34 -1.49 2.99
C GLU B 351 16.48 -2.21 2.25
N GLY B 352 16.85 -3.39 2.74
CA GLY B 352 17.80 -4.27 2.03
C GLY B 352 17.23 -4.85 0.75
N ILE B 353 15.91 -5.02 0.67
CA ILE B 353 15.30 -5.58 -0.54
C ILE B 353 15.22 -4.58 -1.67
N TYR B 354 15.32 -3.29 -1.34
CA TYR B 354 15.35 -2.23 -2.33
C TYR B 354 16.80 -2.04 -2.74
N TRP B 355 17.71 -2.03 -1.76
CA TRP B 355 19.12 -1.90 -2.04
C TRP B 355 19.59 -2.97 -3.04
N ILE B 356 19.10 -4.20 -2.89
CA ILE B 356 19.53 -5.33 -3.72
C ILE B 356 18.93 -5.28 -5.12
N LEU B 357 17.70 -4.77 -5.22
CA LEU B 357 17.01 -4.63 -6.50
C LEU B 357 17.63 -3.54 -7.37
N LYS B 358 18.04 -2.46 -6.70
CA LYS B 358 18.67 -1.33 -7.35
C LYS B 358 20.08 -1.69 -7.78
N LYS B 359 20.83 -2.29 -6.86
CA LYS B 359 22.20 -2.75 -7.14
C LYS B 359 22.27 -3.75 -8.30
N VAL B 360 21.32 -4.69 -8.40
CA VAL B 360 21.33 -5.67 -9.51
C VAL B 360 21.07 -5.00 -10.87
N LYS B 361 20.17 -4.01 -10.90
CA LYS B 361 19.93 -3.24 -12.12
C LYS B 361 21.17 -2.43 -12.50
N GLU B 362 21.82 -1.80 -11.54
CA GLU B 362 23.04 -1.03 -11.78
C GLU B 362 24.23 -1.84 -12.27
N GLU B 363 24.41 -3.04 -11.70
CA GLU B 363 25.60 -3.83 -12.01
C GLU B 363 25.42 -4.70 -13.25
N TYR B 364 24.25 -5.31 -13.41
CA TYR B 364 24.07 -6.26 -14.50
C TYR B 364 22.91 -5.95 -15.46
N ASN B 365 22.01 -5.06 -15.03
CA ASN B 365 20.93 -4.62 -15.94
C ASN B 365 20.17 -5.78 -16.57
N PRO B 366 19.70 -6.74 -15.76
CA PRO B 366 18.94 -7.86 -16.28
C PRO B 366 17.57 -7.41 -16.85
N PRO B 367 17.08 -8.06 -17.90
CA PRO B 367 15.79 -7.67 -18.49
C PRO B 367 14.59 -7.78 -17.55
N GLU B 368 14.54 -8.87 -16.77
CA GLU B 368 13.49 -9.09 -15.78
C GLU B 368 14.10 -9.55 -14.46
N VAL B 369 13.49 -9.11 -13.36
CA VAL B 369 13.84 -9.53 -12.02
C VAL B 369 12.57 -10.04 -11.35
N TYR B 370 12.72 -11.03 -10.48
CA TYR B 370 11.65 -11.47 -9.57
C TYR B 370 12.23 -11.58 -8.19
N ILE B 371 11.41 -11.32 -7.17
CA ILE B 371 11.76 -11.70 -5.82
C ILE B 371 11.22 -13.13 -5.65
N THR B 372 12.12 -14.11 -5.59
CA THR B 372 11.68 -15.52 -5.65
C THR B 372 11.38 -16.12 -4.28
N GLU B 373 11.84 -15.43 -3.24
CA GLU B 373 11.55 -15.81 -1.87
C GLU B 373 11.66 -14.60 -1.01
N ASN B 374 10.69 -14.41 -0.13
CA ASN B 374 10.81 -13.42 0.93
C ASN B 374 9.86 -13.81 2.06
N GLY B 375 10.35 -13.80 3.30
CA GLY B 375 9.55 -14.30 4.41
C GLY B 375 10.21 -14.19 5.76
N ALA B 376 9.52 -14.67 6.79
CA ALA B 376 10.09 -14.71 8.13
C ALA B 376 9.62 -15.91 8.94
N ALA B 377 10.43 -16.27 9.92
CA ALA B 377 10.06 -17.30 10.87
C ALA B 377 9.73 -16.63 12.20
N PHE B 378 8.60 -17.02 12.78
CA PHE B 378 8.21 -16.59 14.12
C PHE B 378 7.57 -17.77 14.81
N ASP B 379 7.68 -17.87 16.13
CA ASP B 379 7.00 -18.95 16.85
C ASP B 379 5.50 -18.74 16.88
N ASP B 380 4.82 -19.36 15.93
CA ASP B 380 3.38 -19.24 15.76
C ASP B 380 2.67 -20.17 16.71
N VAL B 381 1.52 -19.71 17.20
CA VAL B 381 0.71 -20.47 18.16
C VAL B 381 -0.74 -20.41 17.73
N VAL B 382 -1.45 -21.53 17.86
CA VAL B 382 -2.90 -21.58 17.63
C VAL B 382 -3.60 -21.12 18.91
N SER B 383 -4.17 -19.92 18.89
CA SER B 383 -4.82 -19.37 20.09
C SER B 383 -6.14 -20.08 20.37
N GLU B 384 -6.69 -19.87 21.57
CA GLU B 384 -7.97 -20.47 21.97
C GLU B 384 -9.01 -20.41 20.86
N ASP B 385 -9.04 -19.30 20.13
CA ASP B 385 -9.99 -19.11 19.02
C ASP B 385 -9.68 -19.93 17.75
N GLY B 386 -8.65 -20.78 17.82
CA GLY B 386 -8.30 -21.71 16.73
C GLY B 386 -7.68 -21.04 15.51
N ARG B 387 -7.25 -19.79 15.71
CA ARG B 387 -6.67 -18.98 14.66
C ARG B 387 -5.22 -18.67 15.06
N VAL B 388 -4.41 -18.29 14.08
CA VAL B 388 -3.02 -17.91 14.32
C VAL B 388 -2.88 -16.44 13.95
N HIS B 389 -2.72 -15.60 14.98
CA HIS B 389 -2.59 -14.15 14.76
C HIS B 389 -1.12 -13.77 14.70
N ASP B 390 -0.56 -13.90 13.49
CA ASP B 390 0.86 -13.62 13.28
C ASP B 390 1.06 -12.21 12.71
N GLN B 391 0.80 -11.23 13.58
CA GLN B 391 0.99 -9.82 13.26
C GLN B 391 2.41 -9.49 12.81
N ASN B 392 3.40 -10.12 13.43
CA ASN B 392 4.82 -9.86 13.14
C ASN B 392 5.23 -10.22 11.70
N ARG B 393 4.67 -11.31 11.19
CA ARG B 393 4.89 -11.71 9.80
C ARG B 393 4.28 -10.66 8.91
N ILE B 394 3.02 -10.26 9.21
CA ILE B 394 2.36 -9.18 8.47
C ILE B 394 3.24 -7.95 8.38
N ASP B 395 3.74 -7.50 9.53
CA ASP B 395 4.62 -6.33 9.59
C ASP B 395 5.86 -6.55 8.71
N TYR B 396 6.58 -7.65 8.97
CA TYR B 396 7.77 -8.01 8.21
C TYR B 396 7.49 -7.93 6.70
N LEU B 397 6.49 -8.69 6.26
CA LEU B 397 6.13 -8.75 4.86
C LEU B 397 5.74 -7.41 4.29
N LYS B 398 4.85 -6.70 5.01
CA LYS B 398 4.28 -5.42 4.55
C LYS B 398 5.37 -4.46 4.13
N ALA B 399 6.37 -4.34 5.00
CA ALA B 399 7.46 -3.40 4.80
C ALA B 399 8.33 -3.79 3.61
N HIS B 400 8.48 -5.09 3.40
CA HIS B 400 9.36 -5.60 2.36
C HIS B 400 8.71 -5.39 0.99
N ILE B 401 7.41 -5.69 0.90
CA ILE B 401 6.63 -5.50 -0.32
C ILE B 401 6.56 -4.03 -0.72
N GLY B 402 6.68 -3.13 0.27
CA GLY B 402 6.60 -1.70 0.04
C GLY B 402 7.90 -1.17 -0.53
N GLN B 403 9.01 -1.64 0.04
CA GLN B 403 10.37 -1.30 -0.40
C GLN B 403 10.64 -1.85 -1.80
N ALA B 404 10.05 -3.00 -2.10
CA ALA B 404 10.05 -3.54 -3.46
C ALA B 404 9.27 -2.63 -4.41
N TRP B 405 8.11 -2.15 -3.97
CA TRP B 405 7.31 -1.19 -4.76
C TRP B 405 8.17 0.01 -5.13
N LYS B 406 8.87 0.54 -4.12
CA LYS B 406 9.80 1.67 -4.23
C LYS B 406 10.88 1.45 -5.28
N ALA B 407 11.31 0.19 -5.44
CA ALA B 407 12.32 -0.15 -6.42
C ALA B 407 11.79 -0.03 -7.84
N ILE B 408 10.61 -0.58 -8.10
CA ILE B 408 9.95 -0.41 -9.40
C ILE B 408 9.81 1.09 -9.76
N GLN B 409 9.42 1.90 -8.78
CA GLN B 409 9.28 3.36 -8.95
C GLN B 409 10.54 4.00 -9.49
N GLU B 410 11.68 3.37 -9.23
CA GLU B 410 12.97 3.89 -9.69
C GLU B 410 13.51 3.12 -10.92
N GLY B 411 12.64 2.31 -11.52
CA GLY B 411 12.93 1.66 -12.80
C GLY B 411 13.43 0.22 -12.79
N VAL B 412 13.53 -0.41 -11.62
CA VAL B 412 13.88 -1.83 -11.53
C VAL B 412 12.76 -2.66 -12.19
N PRO B 413 13.11 -3.45 -13.20
CA PRO B 413 12.13 -4.24 -13.95
C PRO B 413 11.56 -5.43 -13.18
N LEU B 414 11.11 -5.19 -11.96
CA LEU B 414 10.63 -6.26 -11.07
C LEU B 414 9.24 -6.81 -11.44
N LYS B 415 9.17 -8.07 -11.87
CA LYS B 415 7.95 -8.65 -12.45
C LYS B 415 7.08 -9.47 -11.50
N GLY B 416 7.57 -9.78 -10.30
CA GLY B 416 6.84 -10.69 -9.40
C GLY B 416 7.41 -10.82 -8.00
N TYR B 417 6.66 -11.47 -7.13
CA TYR B 417 7.05 -11.55 -5.73
C TYR B 417 6.43 -12.81 -5.11
N PHE B 418 7.30 -13.70 -4.63
CA PHE B 418 6.87 -14.97 -4.06
C PHE B 418 7.23 -14.99 -2.59
N VAL B 419 6.24 -15.25 -1.76
CA VAL B 419 6.43 -15.36 -0.32
C VAL B 419 7.01 -16.75 -0.03
N TRP B 420 8.03 -16.79 0.81
CA TRP B 420 8.45 -18.07 1.40
C TRP B 420 7.88 -18.10 2.80
N SER B 421 7.00 -19.05 3.11
CA SER B 421 6.55 -20.12 2.22
C SER B 421 5.01 -20.26 2.30
N LEU B 422 4.42 -20.98 1.34
CA LEU B 422 3.02 -21.37 1.47
C LEU B 422 2.77 -22.07 2.80
N LEU B 423 3.65 -22.98 3.19
CA LEU B 423 3.43 -23.82 4.37
C LEU B 423 4.60 -23.77 5.35
N ASP B 424 4.31 -23.95 6.65
CA ASP B 424 5.36 -24.34 7.61
C ASP B 424 5.98 -25.65 7.09
N ASN B 425 7.28 -25.84 7.29
CA ASN B 425 7.94 -26.99 6.66
C ASN B 425 9.27 -27.36 7.30
N PHE B 426 9.93 -28.34 6.71
CA PHE B 426 11.24 -28.81 7.18
C PHE B 426 12.30 -27.75 6.85
N GLU B 427 12.75 -27.02 7.88
CA GLU B 427 13.74 -25.95 7.69
C GLU B 427 15.19 -26.45 7.77
N TRP B 428 15.48 -27.43 6.91
CA TRP B 428 16.84 -27.94 6.67
C TRP B 428 17.49 -28.34 8.00
N ALA B 429 18.65 -27.78 8.35
CA ALA B 429 19.33 -28.18 9.59
C ALA B 429 18.57 -27.80 10.87
N GLU B 430 17.55 -26.95 10.76
CA GLU B 430 16.74 -26.53 11.93
C GLU B 430 15.58 -27.49 12.17
N GLY B 431 15.32 -28.34 11.18
CA GLY B 431 14.19 -29.24 11.22
C GLY B 431 12.86 -28.53 11.14
N TYR B 432 11.90 -28.98 11.93
CA TYR B 432 10.53 -28.44 11.92
C TYR B 432 10.33 -27.32 12.91
N SER B 433 11.38 -27.07 13.69
CA SER B 433 11.38 -26.06 14.75
C SER B 433 11.22 -24.61 14.26
N LYS B 434 11.32 -24.36 12.96
CA LYS B 434 11.21 -22.99 12.43
C LYS B 434 10.13 -22.89 11.37
N ARG B 435 9.16 -22.01 11.60
CA ARG B 435 7.94 -21.94 10.76
C ARG B 435 7.94 -20.65 9.94
N PHE B 436 7.85 -20.79 8.61
CA PHE B 436 7.93 -19.67 7.67
C PHE B 436 6.60 -19.50 6.97
N GLY B 437 5.69 -20.44 7.18
CA GLY B 437 4.46 -20.52 6.41
C GLY B 437 3.56 -19.32 6.63
N ILE B 438 2.70 -19.04 5.66
CA ILE B 438 1.56 -18.15 5.91
C ILE B 438 0.37 -19.04 6.27
N VAL B 439 0.57 -20.35 6.07
CA VAL B 439 -0.35 -21.42 6.44
C VAL B 439 0.35 -22.30 7.49
N TYR B 440 -0.23 -22.34 8.70
CA TYR B 440 0.26 -23.16 9.81
C TYR B 440 0.04 -24.63 9.50
N VAL B 441 0.95 -25.48 9.99
CA VAL B 441 0.78 -26.92 9.83
C VAL B 441 0.91 -27.58 11.20
N ASP B 442 -0.16 -28.25 11.61
CA ASP B 442 -0.12 -29.02 12.85
C ASP B 442 0.44 -30.37 12.50
N TYR B 443 1.69 -30.61 12.92
CA TYR B 443 2.42 -31.80 12.50
C TYR B 443 1.88 -33.11 13.08
N SER B 444 1.13 -33.00 14.18
CA SER B 444 0.46 -34.17 14.78
C SER B 444 -0.69 -34.70 13.95
N THR B 445 -1.47 -33.81 13.33
CA THR B 445 -2.63 -34.22 12.53
C THR B 445 -2.53 -33.88 11.04
N GLN B 446 -1.50 -33.13 10.68
CA GLN B 446 -1.34 -32.59 9.32
C GLN B 446 -2.43 -31.58 8.97
N LYS B 447 -3.03 -31.01 10.01
CA LYS B 447 -4.02 -29.93 9.89
C LYS B 447 -3.38 -28.64 9.41
N ARG B 448 -3.89 -28.09 8.30
CA ARG B 448 -3.52 -26.75 7.87
C ARG B 448 -4.48 -25.73 8.47
N ILE B 449 -3.91 -24.72 9.13
CA ILE B 449 -4.66 -23.55 9.56
C ILE B 449 -4.06 -22.32 8.89
N VAL B 450 -4.80 -21.68 7.98
CA VAL B 450 -4.36 -20.41 7.40
C VAL B 450 -4.08 -19.41 8.52
N LYS B 451 -2.99 -18.66 8.41
CA LYS B 451 -2.63 -17.66 9.41
C LYS B 451 -3.21 -16.31 8.98
N ASP B 452 -3.15 -15.34 9.89
CA ASP B 452 -3.54 -13.96 9.59
C ASP B 452 -2.74 -13.42 8.41
N SER B 453 -1.42 -13.65 8.42
CA SER B 453 -0.52 -13.25 7.32
C SER B 453 -1.07 -13.71 5.98
N GLY B 454 -1.58 -14.94 5.96
CA GLY B 454 -2.20 -15.51 4.79
C GLY B 454 -3.42 -14.75 4.34
N TYR B 455 -4.24 -14.31 5.31
CA TYR B 455 -5.44 -13.52 4.99
C TYR B 455 -5.03 -12.14 4.48
N TRP B 456 -4.06 -11.55 5.16
CA TRP B 456 -3.52 -10.27 4.77
C TRP B 456 -2.86 -10.25 3.38
N TYR B 457 -2.17 -11.34 3.04
CA TYR B 457 -1.46 -11.42 1.77
C TYR B 457 -2.48 -11.60 0.64
N SER B 458 -3.51 -12.39 0.94
CA SER B 458 -4.64 -12.60 0.04
C SER B 458 -5.27 -11.26 -0.33
N ASN B 459 -5.32 -10.34 0.65
CA ASN B 459 -5.65 -8.93 0.44
C ASN B 459 -4.81 -8.29 -0.66
N VAL B 460 -3.49 -8.31 -0.45
CA VAL B 460 -2.51 -7.67 -1.32
C VAL B 460 -2.67 -8.11 -2.77
N VAL B 461 -2.78 -9.42 -3.00
CA VAL B 461 -2.96 -10.01 -4.34
C VAL B 461 -4.22 -9.49 -5.01
N LYS B 462 -5.34 -9.60 -4.28
CA LYS B 462 -6.66 -9.17 -4.74
C LYS B 462 -6.61 -7.74 -5.26
N ASN B 463 -6.00 -6.86 -4.48
CA ASN B 463 -5.93 -5.43 -4.77
C ASN B 463 -4.62 -4.97 -5.42
N ASN B 464 -3.88 -5.91 -6.02
CA ASN B 464 -2.57 -5.67 -6.66
C ASN B 464 -1.61 -4.71 -5.94
N GLY B 465 -1.59 -4.77 -4.60
CA GLY B 465 -0.73 -3.88 -3.84
C GLY B 465 -1.13 -3.68 -2.39
N LEU B 466 -0.56 -2.63 -1.79
CA LEU B 466 -0.75 -2.34 -0.37
C LEU B 466 -1.71 -1.15 -0.16
#